data_1L8W
#
_entry.id   1L8W
#
_cell.length_a   85.171
_cell.length_b   59.178
_cell.length_c   116.149
_cell.angle_alpha   90.00
_cell.angle_beta   104.58
_cell.angle_gamma   90.00
#
_symmetry.space_group_name_H-M   'P 1 2 1'
#
loop_
_entity.id
_entity.type
_entity.pdbx_description
1 polymer VlsE1
2 water water
#
_entity_poly.entity_id   1
_entity_poly.type   'polypeptide(L)'
_entity_poly.pdbx_seq_one_letter_code
;MRGSHHHHHHGSSQVADKDDPTNKFYQSVIQLGNGFLDVFTSFGGLVAEAFGFKSDPKKSDVKTYFTTVAAKLEKTKTDL
NSLPKEKSDISSTTGKPDSTGSVGTAVEGAIKEVSELLDKLVKAVKTAEGASSGTAAIGEVVADADAAKVADKASVKGIA
KGIKEIVEAAGGSEKLKAVAAAKGENNKGAGKLFGKAGAAAHGDSEAASKAAGAVSAVSGEQILSAIVTAADAAEQDGKK
PEEAKNPIAAAIGDKDGGAEFGQDE(MSE)KKDDQIAAAIALRG(MSE)AKDGKFAVKDGEKEKAEGAIKGAAESAVRKV
LGAITGLIGDAVSSGLRKVGDSVKAASKETPPALNK
;
_entity_poly.pdbx_strand_id   A,B,C,D
#
# COMPACT_ATOMS: atom_id res chain seq x y z
N GLY A 44 49.20 -3.74 -5.96
CA GLY A 44 47.86 -3.73 -6.63
C GLY A 44 46.72 -3.68 -5.63
N GLY A 45 46.85 -2.81 -4.64
CA GLY A 45 45.82 -2.68 -3.62
C GLY A 45 44.60 -1.99 -4.19
N LEU A 46 44.82 -0.97 -5.02
CA LEU A 46 43.69 -0.24 -5.61
C LEU A 46 43.06 -1.05 -6.74
N VAL A 47 43.88 -1.79 -7.47
CA VAL A 47 43.38 -2.61 -8.55
C VAL A 47 42.54 -3.74 -7.96
N ALA A 48 42.97 -4.24 -6.81
CA ALA A 48 42.24 -5.30 -6.13
C ALA A 48 40.89 -4.81 -5.61
N GLU A 49 40.80 -3.52 -5.27
CA GLU A 49 39.56 -2.93 -4.77
C GLU A 49 38.65 -2.52 -5.92
N ALA A 50 39.25 -2.07 -7.01
CA ALA A 50 38.48 -1.67 -8.20
C ALA A 50 37.72 -2.91 -8.64
N PHE A 51 38.36 -4.07 -8.46
CA PHE A 51 37.76 -5.35 -8.78
C PHE A 51 37.22 -5.73 -7.41
N GLY A 52 36.03 -6.30 -7.33
CA GLY A 52 35.55 -6.65 -6.01
C GLY A 52 34.46 -5.70 -5.60
N PHE A 53 34.73 -4.40 -5.73
CA PHE A 53 33.74 -3.37 -5.42
C PHE A 53 33.31 -2.69 -6.70
N LYS A 54 33.70 -3.28 -7.82
CA LYS A 54 33.34 -2.76 -9.13
C LYS A 54 31.83 -2.61 -9.20
N SER A 55 31.36 -1.84 -10.18
CA SER A 55 29.95 -1.65 -10.36
C SER A 55 29.48 -2.80 -11.22
N ASP A 56 28.20 -3.15 -11.11
CA ASP A 56 27.60 -4.20 -11.91
C ASP A 56 28.43 -5.47 -12.13
N PRO A 57 28.92 -6.07 -11.03
CA PRO A 57 29.71 -7.29 -11.19
C PRO A 57 28.90 -8.40 -11.85
N LYS A 58 29.58 -9.23 -12.63
CA LYS A 58 28.92 -10.31 -13.32
C LYS A 58 29.21 -11.67 -12.70
N LYS A 59 28.36 -12.63 -13.02
CA LYS A 59 28.54 -13.99 -12.55
C LYS A 59 29.87 -14.50 -13.12
N SER A 60 30.31 -13.92 -14.24
CA SER A 60 31.57 -14.33 -14.85
C SER A 60 32.76 -13.82 -14.03
N ASP A 61 32.54 -12.73 -13.29
CA ASP A 61 33.58 -12.18 -12.43
C ASP A 61 33.87 -13.17 -11.31
N VAL A 62 32.86 -13.97 -10.96
CA VAL A 62 32.99 -14.97 -9.92
C VAL A 62 33.97 -16.05 -10.35
N LYS A 63 33.89 -16.43 -11.62
CA LYS A 63 34.77 -17.44 -12.16
C LYS A 63 36.18 -16.88 -12.17
N THR A 64 36.30 -15.64 -12.62
CA THR A 64 37.59 -14.95 -12.69
C THR A 64 38.25 -14.92 -11.31
N TYR A 65 37.44 -14.64 -10.29
CA TYR A 65 37.92 -14.59 -8.91
C TYR A 65 38.58 -15.93 -8.53
N PHE A 66 37.88 -17.04 -8.73
CA PHE A 66 38.43 -18.34 -8.40
C PHE A 66 39.68 -18.69 -9.22
N THR A 67 39.65 -18.44 -10.52
CA THR A 67 40.80 -18.73 -11.38
C THR A 67 42.02 -17.97 -10.86
N THR A 68 41.82 -16.67 -10.58
CA THR A 68 42.89 -15.82 -10.08
C THR A 68 43.43 -16.37 -8.75
N VAL A 69 42.53 -16.86 -7.90
CA VAL A 69 42.90 -17.44 -6.60
C VAL A 69 43.71 -18.72 -6.87
N ALA A 70 43.25 -19.53 -7.80
CA ALA A 70 43.97 -20.75 -8.13
C ALA A 70 45.41 -20.39 -8.53
N ALA A 71 45.53 -19.40 -9.40
CA ALA A 71 46.84 -18.94 -9.88
C ALA A 71 47.80 -18.58 -8.75
N LYS A 72 47.33 -17.78 -7.80
CA LYS A 72 48.15 -17.37 -6.67
C LYS A 72 48.54 -18.56 -5.80
N LEU A 73 47.60 -19.51 -5.65
CA LEU A 73 47.88 -20.69 -4.85
C LEU A 73 48.91 -21.59 -5.53
N GLU A 74 48.82 -21.70 -6.84
CA GLU A 74 49.76 -22.52 -7.60
C GLU A 74 51.17 -21.95 -7.55
N LYS A 75 51.28 -20.63 -7.71
CA LYS A 75 52.57 -19.98 -7.67
C LYS A 75 53.21 -20.10 -6.28
N THR A 76 52.41 -19.87 -5.26
CA THR A 76 52.89 -19.98 -3.88
C THR A 76 53.40 -21.41 -3.66
N LYS A 77 52.70 -22.40 -4.20
CA LYS A 77 53.13 -23.79 -4.04
C LYS A 77 54.47 -24.05 -4.73
N THR A 78 54.68 -23.43 -5.88
CA THR A 78 55.94 -23.59 -6.61
C THR A 78 57.09 -22.96 -5.79
N ASP A 79 56.89 -21.73 -5.36
CA ASP A 79 57.91 -21.02 -4.59
C ASP A 79 58.24 -21.76 -3.29
N LEU A 80 57.28 -22.50 -2.77
CA LEU A 80 57.50 -23.25 -1.54
C LEU A 80 58.37 -24.47 -1.81
N ASN A 81 58.04 -25.19 -2.86
CA ASN A 81 58.79 -26.40 -3.22
C ASN A 81 60.09 -26.08 -3.95
N SER A 82 60.50 -24.82 -3.90
CA SER A 82 61.73 -24.42 -4.56
C SER A 82 62.62 -23.65 -3.59
N LEU A 83 62.77 -24.20 -2.38
CA LEU A 83 63.61 -23.59 -1.36
C LEU A 83 64.94 -24.33 -1.24
N PRO A 84 64.90 -25.68 -1.25
CA PRO A 84 66.11 -26.51 -1.14
C PRO A 84 66.98 -26.47 -2.39
N THR A 105 64.82 -32.05 7.22
CA THR A 105 64.00 -33.05 7.93
C THR A 105 62.66 -32.48 8.40
N ALA A 106 62.60 -32.09 9.67
CA ALA A 106 61.39 -31.52 10.24
C ALA A 106 60.89 -30.37 9.36
N VAL A 107 61.83 -29.60 8.83
CA VAL A 107 61.49 -28.49 7.95
C VAL A 107 60.83 -29.07 6.70
N GLU A 108 61.50 -30.06 6.12
CA GLU A 108 61.02 -30.76 4.93
C GLU A 108 59.63 -31.32 5.20
N GLY A 109 59.38 -31.67 6.45
CA GLY A 109 58.09 -32.22 6.82
C GLY A 109 57.04 -31.14 6.83
N ALA A 110 57.43 -29.94 7.26
CA ALA A 110 56.51 -28.82 7.32
C ALA A 110 56.21 -28.32 5.91
N ILE A 111 57.11 -28.58 4.97
CA ILE A 111 56.93 -28.15 3.60
C ILE A 111 55.93 -29.09 2.91
N LYS A 112 56.01 -30.38 3.23
CA LYS A 112 55.13 -31.37 2.65
C LYS A 112 53.68 -31.11 3.07
N GLU A 113 53.49 -30.86 4.36
CA GLU A 113 52.16 -30.60 4.90
C GLU A 113 51.53 -29.33 4.32
N VAL A 114 52.33 -28.27 4.22
CA VAL A 114 51.84 -27.01 3.67
C VAL A 114 51.57 -27.18 2.19
N SER A 115 52.39 -27.99 1.53
CA SER A 115 52.23 -28.25 0.10
C SER A 115 50.91 -29.00 -0.15
N GLU A 116 50.62 -29.98 0.71
CA GLU A 116 49.41 -30.77 0.58
C GLU A 116 48.20 -29.87 0.79
N LEU A 117 48.36 -28.94 1.74
CA LEU A 117 47.31 -27.98 2.07
C LEU A 117 47.04 -27.17 0.81
N LEU A 118 48.10 -26.60 0.23
CA LEU A 118 47.97 -25.83 -1.00
C LEU A 118 47.27 -26.63 -2.09
N ASP A 119 47.63 -27.90 -2.22
CA ASP A 119 47.00 -28.78 -3.22
C ASP A 119 45.50 -28.90 -3.02
N LYS A 120 45.09 -29.10 -1.78
CA LYS A 120 43.68 -29.25 -1.44
C LYS A 120 42.88 -27.99 -1.78
N LEU A 121 43.48 -26.83 -1.53
CA LEU A 121 42.84 -25.57 -1.79
C LEU A 121 42.64 -25.37 -3.30
N VAL A 122 43.70 -25.60 -4.07
CA VAL A 122 43.62 -25.43 -5.52
C VAL A 122 42.53 -26.32 -6.11
N LYS A 123 42.51 -27.59 -5.70
CA LYS A 123 41.51 -28.53 -6.18
C LYS A 123 40.12 -28.08 -5.76
N ALA A 124 40.02 -27.52 -4.55
CA ALA A 124 38.75 -27.05 -4.03
C ALA A 124 38.25 -25.81 -4.78
N VAL A 125 39.13 -24.84 -5.03
CA VAL A 125 38.70 -23.64 -5.74
C VAL A 125 38.36 -23.98 -7.19
N LYS A 126 39.07 -24.94 -7.77
CA LYS A 126 38.80 -25.33 -9.16
C LYS A 126 37.42 -25.99 -9.29
N THR A 127 36.97 -26.62 -8.22
CA THR A 127 35.64 -27.21 -8.23
C THR A 127 34.69 -26.01 -8.31
N ALA A 128 34.90 -25.01 -7.46
CA ALA A 128 34.07 -23.81 -7.46
C ALA A 128 34.18 -23.11 -8.82
N GLU A 129 35.41 -22.93 -9.28
CA GLU A 129 35.67 -22.28 -10.57
C GLU A 129 34.89 -22.94 -11.71
N GLY A 130 35.00 -24.26 -11.83
CA GLY A 130 34.28 -24.94 -12.88
C GLY A 130 32.76 -24.80 -12.76
N ALA A 131 32.30 -24.53 -11.55
CA ALA A 131 30.87 -24.38 -11.29
C ALA A 131 30.36 -22.96 -11.53
N SER A 132 31.30 -22.01 -11.65
CA SER A 132 30.95 -20.62 -11.87
C SER A 132 30.81 -20.32 -13.38
N SER A 133 29.85 -20.99 -13.99
CA SER A 133 29.59 -20.89 -15.42
C SER A 133 28.60 -19.83 -15.87
N GLY A 134 28.19 -18.94 -14.98
CA GLY A 134 27.24 -17.93 -15.37
C GLY A 134 27.84 -16.79 -16.16
N THR A 135 26.99 -16.03 -16.85
CA THR A 135 27.47 -14.89 -17.62
C THR A 135 26.66 -13.63 -17.33
N ALA A 136 25.44 -13.82 -16.83
CA ALA A 136 24.57 -12.68 -16.52
C ALA A 136 25.03 -11.93 -15.27
N ALA A 137 24.37 -10.82 -14.99
CA ALA A 137 24.69 -10.03 -13.81
C ALA A 137 24.47 -10.87 -12.56
N ILE A 138 25.25 -10.60 -11.53
CA ILE A 138 25.09 -11.33 -10.27
C ILE A 138 23.72 -10.94 -9.75
N GLY A 139 23.33 -9.70 -10.05
CA GLY A 139 22.04 -9.20 -9.63
C GLY A 139 21.08 -9.02 -10.78
N GLU A 140 20.93 -10.07 -11.59
CA GLU A 140 20.01 -10.05 -12.71
C GLU A 140 18.58 -10.00 -12.19
N VAL A 141 17.80 -9.04 -12.69
CA VAL A 141 16.41 -8.87 -12.27
C VAL A 141 15.48 -8.97 -13.47
N VAL A 142 14.49 -9.87 -13.39
CA VAL A 142 13.53 -10.04 -14.48
C VAL A 142 12.09 -9.74 -14.04
N ALA A 143 11.35 -9.06 -14.92
CA ALA A 143 9.96 -8.70 -14.66
C ALA A 143 9.03 -9.43 -15.63
N ASP A 144 9.58 -9.87 -16.76
CA ASP A 144 8.82 -10.60 -17.78
C ASP A 144 8.66 -12.06 -17.35
N ALA A 145 7.41 -12.52 -17.30
CA ALA A 145 7.09 -13.88 -16.91
C ALA A 145 7.92 -14.94 -17.64
N ASP A 146 8.38 -14.63 -18.84
CA ASP A 146 9.16 -15.59 -19.62
C ASP A 146 10.65 -15.58 -19.25
N ALA A 147 11.15 -14.42 -18.82
CA ALA A 147 12.56 -14.29 -18.45
C ALA A 147 12.94 -15.07 -17.19
N ALA A 148 11.97 -15.30 -16.32
CA ALA A 148 12.22 -16.04 -15.07
C ALA A 148 12.64 -17.47 -15.40
N LYS A 149 13.45 -18.06 -14.52
CA LYS A 149 13.93 -19.42 -14.72
C LYS A 149 14.40 -20.07 -13.42
N VAL A 150 14.57 -21.38 -13.49
CA VAL A 150 15.08 -22.14 -12.35
C VAL A 150 16.59 -22.00 -12.48
N ALA A 151 17.28 -21.80 -11.37
CA ALA A 151 18.73 -21.66 -11.42
C ALA A 151 19.30 -23.01 -11.84
N ASP A 152 20.44 -22.98 -12.51
CA ASP A 152 21.10 -24.21 -12.96
C ASP A 152 21.57 -24.95 -11.70
N LYS A 153 21.01 -26.13 -11.48
CA LYS A 153 21.36 -26.90 -10.29
C LYS A 153 22.81 -27.37 -10.22
N ALA A 154 23.41 -27.68 -11.37
CA ALA A 154 24.80 -28.13 -11.38
C ALA A 154 25.74 -26.99 -10.99
N SER A 155 25.36 -25.76 -11.34
CA SER A 155 26.17 -24.58 -10.99
C SER A 155 26.00 -24.29 -9.49
N VAL A 156 24.74 -24.34 -9.04
CA VAL A 156 24.43 -24.08 -7.62
C VAL A 156 25.15 -25.05 -6.70
N LYS A 157 24.87 -26.34 -6.88
CA LYS A 157 25.46 -27.38 -6.04
C LYS A 157 26.97 -27.45 -6.16
N GLY A 158 27.48 -27.21 -7.36
CA GLY A 158 28.92 -27.24 -7.56
C GLY A 158 29.60 -26.08 -6.87
N ILE A 159 28.99 -24.90 -6.94
CA ILE A 159 29.59 -23.75 -6.30
C ILE A 159 29.61 -23.99 -4.79
N ALA A 160 28.53 -24.55 -4.27
CA ALA A 160 28.43 -24.84 -2.84
C ALA A 160 29.46 -25.89 -2.41
N LYS A 161 29.55 -26.98 -3.17
CA LYS A 161 30.48 -28.05 -2.86
C LYS A 161 31.90 -27.51 -2.91
N GLY A 162 32.17 -26.66 -3.89
CA GLY A 162 33.50 -26.10 -4.01
C GLY A 162 33.82 -25.33 -2.74
N ILE A 163 32.87 -24.49 -2.33
CA ILE A 163 33.03 -23.70 -1.12
C ILE A 163 33.21 -24.58 0.11
N LYS A 164 32.45 -25.67 0.20
CA LYS A 164 32.60 -26.59 1.32
C LYS A 164 34.01 -27.17 1.31
N GLU A 165 34.49 -27.58 0.14
CA GLU A 165 35.83 -28.15 0.02
C GLU A 165 36.89 -27.13 0.40
N ILE A 166 36.69 -25.88 0.00
CA ILE A 166 37.65 -24.84 0.33
C ILE A 166 37.73 -24.67 1.85
N VAL A 167 36.58 -24.52 2.47
CA VAL A 167 36.48 -24.33 3.91
C VAL A 167 37.05 -25.50 4.71
N GLU A 168 36.82 -26.73 4.24
CA GLU A 168 37.34 -27.90 4.94
C GLU A 168 38.86 -27.99 4.76
N ALA A 169 39.34 -27.75 3.54
CA ALA A 169 40.77 -27.80 3.25
C ALA A 169 41.52 -26.89 4.21
N ALA A 170 40.90 -25.77 4.58
CA ALA A 170 41.51 -24.81 5.50
C ALA A 170 40.98 -24.96 6.92
N GLY A 171 39.97 -25.81 7.10
CA GLY A 171 39.39 -26.01 8.42
C GLY A 171 37.92 -26.32 8.36
N GLY A 172 37.07 -25.33 8.64
CA GLY A 172 35.63 -25.55 8.62
C GLY A 172 34.95 -24.81 9.73
N SER A 173 34.58 -25.53 10.79
CA SER A 173 33.93 -24.93 11.94
C SER A 173 34.96 -23.96 12.51
N GLU A 174 34.77 -22.67 12.28
CA GLU A 174 35.72 -21.69 12.76
C GLU A 174 35.18 -20.27 12.79
N LYS A 175 35.81 -19.44 13.62
CA LYS A 175 35.45 -18.04 13.78
C LYS A 175 34.00 -17.84 14.22
N LEU A 176 33.42 -16.71 13.83
CA LEU A 176 32.03 -16.40 14.18
C LEU A 176 31.11 -17.32 13.39
N LYS A 177 31.29 -18.62 13.57
CA LYS A 177 30.47 -19.60 12.88
C LYS A 177 29.05 -19.52 13.42
N ALA A 178 28.87 -18.71 14.47
CA ALA A 178 27.57 -18.53 15.09
C ALA A 178 27.70 -17.68 16.35
N VAL A 179 27.37 -18.30 17.48
CA VAL A 179 27.42 -17.64 18.79
C VAL A 179 26.75 -16.27 18.74
N ALA A 180 25.50 -16.27 18.27
CA ALA A 180 24.72 -15.05 18.16
C ALA A 180 23.31 -15.42 17.73
N ALA A 181 22.34 -14.59 18.10
CA ALA A 181 20.94 -14.84 17.73
C ALA A 181 20.79 -14.86 16.21
N ALA A 182 20.50 -16.04 15.67
CA ALA A 182 20.34 -16.22 14.23
C ALA A 182 18.87 -16.28 13.82
N LYS A 183 17.98 -16.08 14.79
CA LYS A 183 16.54 -16.13 14.52
C LYS A 183 15.90 -14.76 14.29
N GLY A 184 14.80 -14.78 13.58
CA GLY A 184 14.08 -13.56 13.25
C GLY A 184 13.63 -13.68 11.82
N GLU A 185 12.37 -14.07 11.63
CA GLU A 185 11.81 -14.26 10.29
C GLU A 185 11.40 -12.94 9.64
N ASN A 186 11.98 -11.84 10.11
CA ASN A 186 11.66 -10.53 9.58
C ASN A 186 11.83 -10.40 8.06
N ASN A 187 12.78 -11.14 7.49
CA ASN A 187 13.03 -11.04 6.06
C ASN A 187 12.58 -12.22 5.19
N LYS A 188 11.78 -13.11 5.76
CA LYS A 188 11.28 -14.25 5.03
C LYS A 188 10.64 -13.84 3.71
N GLY A 189 10.19 -12.60 3.64
CA GLY A 189 9.58 -12.08 2.42
C GLY A 189 10.53 -12.02 1.24
N ALA A 190 11.81 -12.23 1.49
CA ALA A 190 12.81 -12.21 0.41
C ALA A 190 12.56 -13.35 -0.57
N GLY A 191 11.81 -14.35 -0.12
CA GLY A 191 11.51 -15.51 -0.96
C GLY A 191 10.71 -15.19 -2.21
N LYS A 192 9.96 -14.09 -2.20
CA LYS A 192 9.15 -13.71 -3.35
C LYS A 192 9.98 -13.47 -4.61
N LEU A 193 11.26 -13.19 -4.40
CA LEU A 193 12.18 -12.93 -5.50
C LEU A 193 12.61 -14.22 -6.18
N PHE A 194 12.38 -15.33 -5.49
CA PHE A 194 12.75 -16.65 -5.99
C PHE A 194 11.63 -17.34 -6.79
N GLY A 195 10.54 -16.62 -7.01
CA GLY A 195 9.42 -17.21 -7.73
C GLY A 195 9.34 -16.73 -9.17
N LYS A 196 8.15 -16.85 -9.76
CA LYS A 196 7.95 -16.42 -11.14
C LYS A 196 7.85 -14.91 -11.22
N ALA A 197 7.86 -14.39 -12.44
CA ALA A 197 7.78 -12.95 -12.67
C ALA A 197 6.51 -12.61 -13.42
N GLY A 198 6.31 -11.32 -13.64
CA GLY A 198 5.14 -10.85 -14.37
C GLY A 198 3.84 -10.92 -13.61
N ALA A 199 2.81 -11.43 -14.29
CA ALA A 199 1.46 -11.56 -13.75
C ALA A 199 1.34 -12.04 -12.30
N ALA A 200 1.21 -13.33 -12.10
CA ALA A 200 1.06 -13.89 -10.76
C ALA A 200 2.35 -13.94 -9.95
N ALA A 201 3.15 -12.88 -10.03
CA ALA A 201 4.40 -12.81 -9.29
C ALA A 201 4.21 -12.00 -8.01
N HIS A 202 4.98 -12.32 -6.98
CA HIS A 202 4.87 -11.59 -5.73
C HIS A 202 6.03 -10.62 -5.55
N GLY A 203 7.14 -10.87 -6.24
CA GLY A 203 8.29 -10.01 -6.11
C GLY A 203 8.00 -8.52 -6.25
N ASP A 204 8.40 -7.75 -5.26
CA ASP A 204 8.20 -6.30 -5.30
C ASP A 204 9.17 -5.54 -4.41
N SER A 205 9.07 -4.22 -4.50
CA SER A 205 9.90 -3.30 -3.77
C SER A 205 10.23 -3.73 -2.34
N GLU A 206 9.19 -4.03 -1.56
CA GLU A 206 9.35 -4.45 -0.17
C GLU A 206 10.11 -5.76 0.03
N ALA A 207 9.91 -6.71 -0.89
CA ALA A 207 10.59 -8.00 -0.79
C ALA A 207 12.09 -7.83 -1.08
N ALA A 208 12.41 -6.90 -1.98
CA ALA A 208 13.81 -6.63 -2.33
C ALA A 208 14.51 -5.99 -1.14
N SER A 209 13.74 -5.25 -0.34
CA SER A 209 14.30 -4.60 0.85
C SER A 209 14.58 -5.69 1.89
N LYS A 210 13.70 -6.70 1.92
CA LYS A 210 13.84 -7.81 2.84
C LYS A 210 15.12 -8.59 2.52
N ALA A 211 15.36 -8.79 1.23
CA ALA A 211 16.55 -9.51 0.78
C ALA A 211 17.81 -8.75 1.15
N ALA A 212 17.78 -7.43 0.97
CA ALA A 212 18.94 -6.64 1.33
C ALA A 212 19.13 -6.61 2.86
N GLY A 213 18.01 -6.55 3.59
CA GLY A 213 18.08 -6.52 5.05
C GLY A 213 18.69 -7.79 5.61
N ALA A 214 18.27 -8.93 5.06
CA ALA A 214 18.77 -10.23 5.47
C ALA A 214 20.28 -10.28 5.27
N VAL A 215 20.74 -9.77 4.14
CA VAL A 215 22.16 -9.74 3.81
C VAL A 215 22.91 -8.76 4.72
N SER A 216 22.27 -7.64 5.06
CA SER A 216 22.93 -6.66 5.91
C SER A 216 23.11 -7.16 7.34
N ALA A 217 22.15 -7.97 7.78
CA ALA A 217 22.12 -8.52 9.14
C ALA A 217 23.10 -9.67 9.44
N VAL A 218 23.93 -10.04 8.47
CA VAL A 218 24.88 -11.14 8.69
C VAL A 218 26.25 -10.82 8.10
N SER A 219 27.29 -11.43 8.67
CA SER A 219 28.64 -11.18 8.18
C SER A 219 28.95 -12.18 7.05
N GLY A 220 30.11 -12.03 6.43
CA GLY A 220 30.47 -12.94 5.35
C GLY A 220 30.71 -14.34 5.88
N GLU A 221 31.35 -14.44 7.04
CA GLU A 221 31.62 -15.73 7.66
C GLU A 221 30.32 -16.52 7.85
N GLN A 222 29.31 -15.87 8.41
CA GLN A 222 28.02 -16.51 8.65
C GLN A 222 27.37 -17.02 7.37
N ILE A 223 27.44 -16.21 6.31
CA ILE A 223 26.87 -16.63 5.03
C ILE A 223 27.68 -17.81 4.47
N LEU A 224 28.98 -17.76 4.69
CA LEU A 224 29.89 -18.82 4.24
C LEU A 224 29.53 -20.12 4.93
N SER A 225 29.37 -20.06 6.25
CA SER A 225 29.01 -21.23 7.06
C SER A 225 27.67 -21.81 6.60
N ALA A 226 26.70 -20.95 6.37
CA ALA A 226 25.39 -21.42 5.93
C ALA A 226 25.48 -22.19 4.60
N ILE A 227 26.41 -21.79 3.73
CA ILE A 227 26.57 -22.48 2.45
C ILE A 227 27.29 -23.81 2.67
N VAL A 228 28.28 -23.81 3.55
CA VAL A 228 29.01 -25.03 3.86
C VAL A 228 28.07 -26.11 4.40
N THR A 229 27.19 -25.73 5.33
CA THR A 229 26.24 -26.66 5.93
C THR A 229 25.26 -27.15 4.88
N ALA A 230 24.79 -26.22 4.05
CA ALA A 230 23.85 -26.53 3.00
C ALA A 230 24.41 -27.62 2.08
N ALA A 231 25.68 -27.50 1.70
CA ALA A 231 26.32 -28.46 0.81
C ALA A 231 26.26 -29.89 1.35
N ASP A 232 26.06 -30.01 2.66
CA ASP A 232 25.99 -31.32 3.30
C ASP A 232 24.57 -31.86 3.42
N ALA A 233 23.57 -31.03 3.08
CA ALA A 233 22.19 -31.47 3.14
C ALA A 233 21.97 -32.59 2.14
N ALA A 234 20.85 -33.29 2.26
CA ALA A 234 20.55 -34.39 1.35
C ALA A 234 19.52 -33.98 0.32
N GLU A 235 18.66 -33.04 0.69
CA GLU A 235 17.61 -32.55 -0.20
C GLU A 235 18.08 -31.28 -0.90
N GLN A 236 19.03 -31.44 -1.82
CA GLN A 236 19.59 -30.29 -2.54
C GLN A 236 18.93 -29.92 -3.86
N ASP A 237 17.77 -30.50 -4.16
CA ASP A 237 17.11 -30.13 -5.41
C ASP A 237 16.22 -28.92 -5.21
N GLY A 238 15.98 -28.18 -6.29
CA GLY A 238 15.16 -26.99 -6.24
C GLY A 238 13.76 -27.16 -5.68
N LYS A 239 13.33 -26.18 -4.88
CA LYS A 239 12.02 -26.18 -4.25
C LYS A 239 11.49 -24.74 -4.16
N LYS A 240 10.18 -24.59 -4.23
CA LYS A 240 9.59 -23.25 -4.13
C LYS A 240 9.92 -22.68 -2.76
N PRO A 241 9.85 -21.35 -2.62
CA PRO A 241 10.15 -20.65 -1.36
C PRO A 241 9.43 -21.21 -0.13
N GLU A 242 8.20 -21.65 -0.33
CA GLU A 242 7.39 -22.19 0.74
C GLU A 242 7.84 -23.54 1.29
N GLU A 243 8.61 -24.28 0.48
CA GLU A 243 9.05 -25.61 0.87
C GLU A 243 10.54 -25.83 1.10
N ALA A 244 11.38 -24.98 0.52
CA ALA A 244 12.82 -25.12 0.67
C ALA A 244 13.26 -25.19 2.13
N LYS A 245 14.19 -26.09 2.44
CA LYS A 245 14.69 -26.26 3.79
C LYS A 245 16.18 -25.92 3.95
N ASN A 246 16.84 -25.61 2.84
CA ASN A 246 18.25 -25.24 2.88
C ASN A 246 18.52 -24.21 1.78
N PRO A 247 19.55 -23.36 1.95
CA PRO A 247 19.81 -22.36 0.91
C PRO A 247 20.08 -22.87 -0.52
N ILE A 248 20.61 -24.09 -0.65
CA ILE A 248 20.87 -24.68 -1.97
C ILE A 248 19.54 -24.99 -2.69
N ALA A 249 18.61 -25.59 -1.96
CA ALA A 249 17.30 -25.91 -2.53
C ALA A 249 16.51 -24.65 -2.88
N ALA A 250 16.71 -23.60 -2.07
CA ALA A 250 16.03 -22.34 -2.28
C ALA A 250 16.60 -21.58 -3.47
N ALA A 251 17.93 -21.60 -3.59
CA ALA A 251 18.62 -20.92 -4.69
C ALA A 251 18.28 -21.50 -6.07
N ILE A 252 18.26 -22.83 -6.20
CA ILE A 252 17.91 -23.43 -7.48
C ILE A 252 16.46 -23.07 -7.80
N GLY A 253 15.57 -23.25 -6.83
CA GLY A 253 14.18 -22.90 -7.07
C GLY A 253 13.29 -23.94 -7.76
N ASP A 254 12.03 -23.55 -7.95
CA ASP A 254 10.99 -24.39 -8.55
C ASP A 254 10.18 -23.58 -9.58
N LYS A 255 9.58 -24.27 -10.54
CA LYS A 255 8.80 -23.60 -11.58
C LYS A 255 7.49 -22.97 -11.12
N ASP A 256 6.85 -23.52 -10.09
CA ASP A 256 5.60 -22.95 -9.59
C ASP A 256 5.82 -21.63 -8.87
N GLY A 257 7.07 -21.32 -8.57
CA GLY A 257 7.34 -20.08 -7.89
C GLY A 257 6.75 -20.10 -6.50
N GLY A 258 6.64 -18.94 -5.87
CA GLY A 258 6.09 -18.86 -4.54
C GLY A 258 6.31 -17.52 -3.89
N ALA A 259 5.83 -17.39 -2.66
CA ALA A 259 5.96 -16.14 -1.92
C ALA A 259 7.07 -16.20 -0.89
N GLU A 260 6.73 -15.95 0.36
CA GLU A 260 7.70 -15.95 1.44
C GLU A 260 8.33 -17.31 1.65
N PHE A 261 9.46 -17.34 2.36
CA PHE A 261 10.11 -18.58 2.69
C PHE A 261 9.22 -19.11 3.83
N GLY A 262 8.65 -20.28 3.66
CA GLY A 262 7.75 -20.82 4.66
C GLY A 262 8.32 -21.76 5.71
N GLN A 263 9.39 -22.46 5.38
CA GLN A 263 9.99 -23.39 6.33
C GLN A 263 10.80 -22.66 7.42
N ASP A 264 10.90 -23.28 8.59
CA ASP A 264 11.64 -22.69 9.70
C ASP A 264 13.14 -22.75 9.45
N GLU A 265 13.59 -23.74 8.68
CA GLU A 265 15.01 -23.89 8.36
C GLU A 265 15.51 -22.68 7.59
N MSE A 266 14.63 -22.09 6.79
CA MSE A 266 14.98 -20.89 6.03
C MSE A 266 14.50 -19.73 6.92
O MSE A 266 14.69 -19.78 8.14
CB MSE A 266 14.26 -20.88 4.67
CG MSE A 266 14.87 -21.80 3.60
SE MSE A 266 16.73 -21.38 3.03
CE MSE A 266 17.65 -22.39 4.38
N LYS A 267 13.90 -18.70 6.35
CA LYS A 267 13.41 -17.55 7.14
C LYS A 267 14.52 -16.81 7.89
N LYS A 268 15.48 -17.54 8.42
CA LYS A 268 16.60 -16.93 9.13
C LYS A 268 17.49 -16.16 8.16
N ASP A 269 18.07 -15.06 8.65
CA ASP A 269 18.91 -14.17 7.85
C ASP A 269 20.16 -14.76 7.20
N ASP A 270 20.85 -15.67 7.87
CA ASP A 270 22.05 -16.23 7.27
C ASP A 270 21.72 -17.23 6.16
N GLN A 271 20.56 -17.89 6.27
CA GLN A 271 20.09 -18.85 5.27
C GLN A 271 19.56 -18.11 4.04
N ILE A 272 18.83 -17.04 4.29
CA ILE A 272 18.29 -16.23 3.21
C ILE A 272 19.46 -15.61 2.45
N ALA A 273 20.38 -14.99 3.19
CA ALA A 273 21.56 -14.36 2.59
C ALA A 273 22.39 -15.37 1.79
N ALA A 274 22.37 -16.64 2.21
CA ALA A 274 23.08 -17.71 1.52
C ALA A 274 22.35 -18.09 0.23
N ALA A 275 21.02 -18.17 0.29
CA ALA A 275 20.22 -18.51 -0.89
C ALA A 275 20.43 -17.45 -1.93
N ILE A 276 20.52 -16.22 -1.45
CA ILE A 276 20.73 -15.05 -2.28
C ILE A 276 22.11 -15.06 -2.93
N ALA A 277 23.16 -15.27 -2.15
CA ALA A 277 24.51 -15.28 -2.71
C ALA A 277 24.73 -16.41 -3.70
N LEU A 278 24.18 -17.59 -3.40
CA LEU A 278 24.31 -18.74 -4.29
C LEU A 278 23.59 -18.49 -5.62
N ARG A 279 22.39 -17.91 -5.53
CA ARG A 279 21.60 -17.63 -6.71
C ARG A 279 22.30 -16.60 -7.59
N GLY A 280 22.81 -15.55 -6.96
CA GLY A 280 23.52 -14.51 -7.68
C GLY A 280 24.80 -14.98 -8.36
N MSE A 281 25.48 -15.97 -7.78
CA MSE A 281 26.72 -16.47 -8.37
C MSE A 281 26.48 -17.54 -9.45
O MSE A 281 27.27 -17.67 -10.37
CB MSE A 281 27.62 -17.11 -7.30
CG MSE A 281 28.11 -16.20 -6.20
SE MSE A 281 29.28 -17.19 -4.96
CE MSE A 281 30.97 -16.60 -5.59
N ALA A 282 25.40 -18.31 -9.31
CA ALA A 282 25.14 -19.38 -10.24
C ALA A 282 24.52 -19.01 -11.59
N LYS A 283 24.80 -19.84 -12.58
CA LYS A 283 24.28 -19.71 -13.93
C LYS A 283 22.75 -19.82 -13.90
N ASP A 284 22.09 -18.97 -14.69
CA ASP A 284 20.63 -18.91 -14.78
C ASP A 284 19.93 -18.46 -13.51
N GLY A 285 20.70 -18.05 -12.50
CA GLY A 285 20.08 -17.59 -11.27
C GLY A 285 19.69 -16.13 -11.40
N LYS A 286 18.38 -15.86 -11.37
CA LYS A 286 17.89 -14.49 -11.51
C LYS A 286 16.81 -14.17 -10.48
N PHE A 287 16.53 -12.88 -10.29
CA PHE A 287 15.53 -12.44 -9.31
C PHE A 287 14.31 -11.85 -10.01
N ALA A 288 13.15 -12.39 -9.69
CA ALA A 288 11.90 -11.96 -10.32
C ALA A 288 11.01 -11.02 -9.50
N VAL A 289 10.38 -10.08 -10.22
CA VAL A 289 9.48 -9.11 -9.62
C VAL A 289 8.23 -8.99 -10.50
N LYS A 290 7.16 -8.41 -9.94
CA LYS A 290 5.90 -8.20 -10.67
C LYS A 290 6.16 -7.10 -11.70
N ASP A 291 5.32 -7.03 -12.73
CA ASP A 291 5.48 -5.98 -13.72
C ASP A 291 5.14 -4.65 -13.06
N GLY A 292 5.87 -3.60 -13.42
CA GLY A 292 5.63 -2.31 -12.81
C GLY A 292 6.38 -2.24 -11.50
N GLU A 293 7.27 -3.20 -11.29
CA GLU A 293 8.07 -3.27 -10.07
C GLU A 293 9.57 -3.24 -10.32
N LYS A 294 10.00 -3.69 -11.49
CA LYS A 294 11.41 -3.73 -11.82
C LYS A 294 12.14 -2.46 -11.40
N GLU A 295 11.77 -1.35 -12.01
CA GLU A 295 12.39 -0.07 -11.71
C GLU A 295 12.24 0.30 -10.23
N LYS A 296 11.25 -0.26 -9.58
CA LYS A 296 10.98 0.06 -8.18
C LYS A 296 11.73 -0.81 -7.18
N ALA A 297 12.13 -2.01 -7.61
CA ALA A 297 12.82 -2.93 -6.72
C ALA A 297 14.17 -3.44 -7.24
N GLU A 298 14.49 -3.17 -8.49
CA GLU A 298 15.75 -3.60 -9.11
C GLU A 298 16.99 -3.27 -8.24
N GLY A 299 17.17 -1.98 -8.00
CA GLY A 299 18.29 -1.49 -7.21
C GLY A 299 18.52 -2.21 -5.90
N ALA A 300 17.44 -2.47 -5.18
CA ALA A 300 17.51 -3.14 -3.90
C ALA A 300 17.95 -4.60 -3.99
N ILE A 301 17.36 -5.37 -4.90
CA ILE A 301 17.75 -6.76 -4.99
C ILE A 301 19.16 -6.89 -5.56
N LYS A 302 19.50 -6.00 -6.49
CA LYS A 302 20.81 -5.98 -7.11
C LYS A 302 21.87 -5.70 -6.04
N GLY A 303 21.57 -4.75 -5.15
CA GLY A 303 22.50 -4.40 -4.11
C GLY A 303 22.73 -5.56 -3.15
N ALA A 304 21.67 -6.32 -2.90
CA ALA A 304 21.73 -7.46 -1.98
C ALA A 304 22.55 -8.61 -2.54
N ALA A 305 22.24 -9.00 -3.76
CA ALA A 305 22.93 -10.10 -4.41
C ALA A 305 24.42 -9.77 -4.48
N GLU A 306 24.72 -8.54 -4.87
CA GLU A 306 26.11 -8.10 -4.97
C GLU A 306 26.77 -8.08 -3.60
N SER A 307 26.10 -7.52 -2.61
CA SER A 307 26.70 -7.52 -1.27
C SER A 307 26.84 -8.95 -0.76
N ALA A 308 25.83 -9.77 -0.99
CA ALA A 308 25.89 -11.17 -0.55
C ALA A 308 27.12 -11.85 -1.14
N VAL A 309 27.34 -11.70 -2.44
CA VAL A 309 28.49 -12.33 -3.04
C VAL A 309 29.82 -11.71 -2.58
N ARG A 310 29.89 -10.38 -2.53
CA ARG A 310 31.11 -9.74 -2.07
C ARG A 310 31.47 -10.19 -0.65
N LYS A 311 30.46 -10.39 0.20
CA LYS A 311 30.70 -10.83 1.57
C LYS A 311 31.23 -12.27 1.61
N VAL A 312 30.62 -13.16 0.83
CA VAL A 312 31.05 -14.55 0.81
C VAL A 312 32.48 -14.73 0.24
N LEU A 313 32.77 -14.09 -0.89
CA LEU A 313 34.09 -14.20 -1.51
C LEU A 313 35.18 -13.54 -0.66
N GLY A 314 34.84 -12.45 0.01
CA GLY A 314 35.80 -11.78 0.85
C GLY A 314 36.15 -12.69 2.02
N ALA A 315 35.16 -13.40 2.56
CA ALA A 315 35.42 -14.29 3.68
C ALA A 315 36.29 -15.48 3.22
N ILE A 316 36.07 -15.95 2.00
CA ILE A 316 36.85 -17.06 1.45
C ILE A 316 38.29 -16.57 1.35
N THR A 317 38.44 -15.33 0.90
CA THR A 317 39.77 -14.73 0.77
C THR A 317 40.45 -14.66 2.14
N GLY A 318 39.71 -14.25 3.16
CA GLY A 318 40.29 -14.15 4.49
C GLY A 318 40.64 -15.52 5.04
N LEU A 319 39.75 -16.49 4.86
CA LEU A 319 39.96 -17.85 5.32
C LEU A 319 41.21 -18.44 4.66
N ILE A 320 41.25 -18.41 3.34
CA ILE A 320 42.39 -18.93 2.60
C ILE A 320 43.66 -18.21 3.01
N GLY A 321 43.60 -16.88 3.07
CA GLY A 321 44.75 -16.09 3.45
C GLY A 321 45.37 -16.51 4.77
N ASP A 322 44.52 -16.85 5.74
CA ASP A 322 45.02 -17.28 7.04
C ASP A 322 45.54 -18.71 7.00
N ALA A 323 44.82 -19.60 6.31
CA ALA A 323 45.24 -20.99 6.22
C ALA A 323 46.68 -21.07 5.70
N VAL A 324 46.97 -20.29 4.66
CA VAL A 324 48.28 -20.27 4.04
C VAL A 324 49.33 -19.64 4.96
N SER A 325 49.00 -18.49 5.54
CA SER A 325 49.92 -17.79 6.44
C SER A 325 50.39 -18.69 7.58
N SER A 326 49.45 -19.30 8.30
CA SER A 326 49.78 -20.16 9.42
C SER A 326 50.58 -21.37 8.93
N GLY A 327 50.39 -21.74 7.67
CA GLY A 327 51.13 -22.86 7.12
C GLY A 327 52.55 -22.45 6.84
N LEU A 328 52.71 -21.27 6.23
CA LEU A 328 54.04 -20.76 5.92
C LEU A 328 54.76 -20.37 7.20
N ARG A 329 54.00 -19.98 8.22
CA ARG A 329 54.57 -19.61 9.51
C ARG A 329 55.05 -20.86 10.20
N LYS A 330 54.30 -21.95 10.02
CA LYS A 330 54.60 -23.24 10.61
C LYS A 330 55.99 -23.71 10.15
N VAL A 331 56.26 -23.58 8.86
CA VAL A 331 57.57 -23.98 8.34
C VAL A 331 58.60 -22.96 8.81
N GLY A 332 58.16 -21.73 9.02
CA GLY A 332 59.06 -20.68 9.47
C GLY A 332 59.64 -20.99 10.83
N ASP A 333 58.84 -21.63 11.70
CA ASP A 333 59.30 -21.98 13.03
C ASP A 333 60.40 -23.01 12.84
N SER A 334 59.99 -24.23 12.50
CA SER A 334 60.93 -25.32 12.28
C SER A 334 61.52 -25.20 10.88
N PRO B 21 -80.90 19.56 0.89
CA PRO B 21 -79.58 18.94 1.15
C PRO B 21 -79.34 18.70 2.65
N THR B 22 -78.34 19.39 3.19
CA THR B 22 -77.95 19.30 4.59
C THR B 22 -77.74 17.90 5.14
N ASN B 23 -76.88 17.80 6.15
CA ASN B 23 -76.54 16.55 6.81
C ASN B 23 -75.95 15.56 5.82
N LYS B 24 -76.81 14.93 5.01
CA LYS B 24 -76.32 13.96 4.05
C LYS B 24 -75.40 14.58 3.02
N PHE B 25 -74.83 15.71 3.38
CA PHE B 25 -73.91 16.42 2.52
C PHE B 25 -72.58 16.64 3.23
N TYR B 26 -72.36 15.91 4.31
CA TYR B 26 -71.10 16.00 5.01
C TYR B 26 -70.22 15.21 4.04
N GLN B 27 -70.88 14.62 3.04
CA GLN B 27 -70.22 13.84 1.99
C GLN B 27 -68.98 14.56 1.51
N SER B 28 -68.89 15.86 1.81
CA SER B 28 -67.76 16.68 1.43
C SER B 28 -66.49 16.12 2.06
N VAL B 29 -66.66 15.40 3.16
CA VAL B 29 -65.54 14.80 3.88
C VAL B 29 -65.09 13.51 3.21
N ILE B 30 -66.00 12.88 2.48
CA ILE B 30 -65.71 11.65 1.77
C ILE B 30 -64.75 11.99 0.62
N GLN B 31 -64.97 13.13 -0.02
CA GLN B 31 -64.12 13.56 -1.11
C GLN B 31 -62.89 14.24 -0.53
N LEU B 32 -63.07 14.99 0.55
CA LEU B 32 -61.98 15.67 1.22
C LEU B 32 -60.95 14.62 1.62
N GLY B 33 -61.47 13.44 1.97
CA GLY B 33 -60.61 12.34 2.36
C GLY B 33 -59.95 11.76 1.12
N ASN B 34 -60.74 11.59 0.07
CA ASN B 34 -60.21 11.05 -1.18
C ASN B 34 -59.20 12.03 -1.76
N GLY B 35 -59.44 13.32 -1.51
CA GLY B 35 -58.53 14.34 -1.99
C GLY B 35 -57.22 14.21 -1.24
N PHE B 36 -57.32 14.01 0.07
CA PHE B 36 -56.15 13.85 0.91
C PHE B 36 -55.44 12.55 0.56
N LEU B 37 -56.23 11.53 0.26
CA LEU B 37 -55.71 10.22 -0.10
C LEU B 37 -54.86 10.33 -1.37
N ASP B 38 -55.36 11.08 -2.36
CA ASP B 38 -54.63 11.27 -3.60
C ASP B 38 -53.35 12.05 -3.34
N VAL B 39 -53.45 13.07 -2.48
CA VAL B 39 -52.31 13.88 -2.13
C VAL B 39 -51.27 12.98 -1.48
N PHE B 40 -51.70 12.23 -0.47
CA PHE B 40 -50.83 11.30 0.24
C PHE B 40 -50.23 10.31 -0.74
N THR B 41 -50.97 9.99 -1.80
CA THR B 41 -50.50 9.06 -2.82
C THR B 41 -49.31 9.65 -3.57
N SER B 42 -49.54 10.76 -4.27
CA SER B 42 -48.50 11.44 -5.06
C SER B 42 -47.24 11.69 -4.24
N PHE B 43 -47.41 11.67 -2.92
CA PHE B 43 -46.29 11.90 -2.00
C PHE B 43 -45.67 10.59 -1.56
N GLY B 44 -46.50 9.70 -1.01
CA GLY B 44 -46.01 8.41 -0.55
C GLY B 44 -45.41 7.63 -1.71
N GLY B 45 -45.72 8.06 -2.93
CA GLY B 45 -45.21 7.39 -4.10
C GLY B 45 -43.71 7.61 -4.17
N LEU B 46 -43.31 8.88 -4.08
CA LEU B 46 -41.90 9.24 -4.12
C LEU B 46 -41.40 9.54 -2.72
N VAL B 47 -40.58 10.58 -2.56
CA VAL B 47 -40.03 10.95 -1.27
C VAL B 47 -39.38 9.73 -0.65
N ALA B 48 -39.24 8.73 -1.50
CA ALA B 48 -38.61 7.45 -1.20
C ALA B 48 -37.62 7.30 -2.34
N GLU B 49 -37.16 8.44 -2.83
CA GLU B 49 -36.21 8.45 -3.93
C GLU B 49 -34.88 7.82 -3.52
N ALA B 50 -34.52 6.77 -4.25
CA ALA B 50 -33.28 6.05 -3.99
C ALA B 50 -33.08 5.01 -5.09
N PHE B 51 -33.61 5.31 -6.27
CA PHE B 51 -33.50 4.42 -7.41
C PHE B 51 -32.18 4.66 -8.14
N GLY B 52 -31.08 4.32 -7.47
CA GLY B 52 -29.78 4.52 -8.07
C GLY B 52 -29.65 5.98 -8.47
N PHE B 53 -29.97 6.87 -7.55
CA PHE B 53 -29.90 8.30 -7.80
C PHE B 53 -28.44 8.76 -7.89
N LYS B 54 -27.54 7.80 -8.04
CA LYS B 54 -26.10 8.05 -8.16
C LYS B 54 -25.51 7.14 -9.23
N SER B 55 -24.36 6.55 -8.93
CA SER B 55 -23.66 5.64 -9.85
C SER B 55 -22.78 6.40 -10.84
N ASP B 56 -21.47 6.42 -10.59
CA ASP B 56 -20.50 7.13 -11.43
C ASP B 56 -20.92 8.60 -11.51
N PRO B 57 -21.39 9.16 -10.39
CA PRO B 57 -21.84 10.55 -10.33
C PRO B 57 -20.94 11.71 -10.74
N LYS B 58 -21.59 12.71 -11.32
CA LYS B 58 -20.92 13.93 -11.71
C LYS B 58 -21.39 14.96 -10.69
N LYS B 59 -20.68 16.06 -10.54
CA LYS B 59 -21.06 17.09 -9.59
C LYS B 59 -22.43 17.68 -9.95
N SER B 60 -22.72 17.76 -11.25
CA SER B 60 -23.98 18.32 -11.72
C SER B 60 -25.19 17.47 -11.36
N ASP B 61 -24.97 16.19 -11.02
CA ASP B 61 -26.09 15.34 -10.63
C ASP B 61 -26.56 15.75 -9.24
N VAL B 62 -25.68 16.41 -8.49
CA VAL B 62 -26.02 16.89 -7.16
C VAL B 62 -27.02 18.01 -7.29
N LYS B 63 -26.81 18.87 -8.29
CA LYS B 63 -27.74 19.96 -8.54
C LYS B 63 -29.06 19.30 -8.90
N THR B 64 -29.00 18.30 -9.77
CA THR B 64 -30.19 17.58 -10.21
C THR B 64 -30.97 17.06 -9.01
N TYR B 65 -30.24 16.53 -8.03
CA TYR B 65 -30.88 16.03 -6.82
C TYR B 65 -31.68 17.14 -6.12
N PHE B 66 -30.99 18.23 -5.78
CA PHE B 66 -31.61 19.37 -5.10
C PHE B 66 -32.78 19.98 -5.87
N THR B 67 -32.65 20.14 -7.18
CA THR B 67 -33.72 20.71 -8.01
C THR B 67 -34.94 19.79 -7.94
N THR B 68 -34.69 18.49 -7.97
CA THR B 68 -35.76 17.49 -7.93
C THR B 68 -36.49 17.50 -6.60
N VAL B 69 -35.77 17.77 -5.52
CA VAL B 69 -36.39 17.83 -4.20
C VAL B 69 -37.29 19.05 -4.12
N ALA B 70 -36.82 20.17 -4.67
CA ALA B 70 -37.61 21.39 -4.63
C ALA B 70 -38.91 21.20 -5.41
N ALA B 71 -38.81 20.49 -6.53
CA ALA B 71 -39.94 20.21 -7.39
C ALA B 71 -40.94 19.30 -6.67
N LYS B 72 -40.44 18.26 -6.01
CA LYS B 72 -41.33 17.36 -5.29
C LYS B 72 -42.03 18.15 -4.19
N LEU B 73 -41.25 18.94 -3.46
CA LEU B 73 -41.77 19.74 -2.38
C LEU B 73 -42.86 20.70 -2.88
N GLU B 74 -42.58 21.40 -3.99
CA GLU B 74 -43.56 22.33 -4.53
C GLU B 74 -44.81 21.59 -5.02
N LYS B 75 -44.62 20.41 -5.61
CA LYS B 75 -45.73 19.61 -6.10
C LYS B 75 -46.64 19.22 -4.94
N THR B 76 -46.02 19.02 -3.79
CA THR B 76 -46.75 18.65 -2.58
C THR B 76 -47.58 19.84 -2.11
N LYS B 77 -47.00 21.03 -2.16
CA LYS B 77 -47.71 22.22 -1.76
C LYS B 77 -48.89 22.43 -2.71
N THR B 78 -48.66 22.23 -4.01
CA THR B 78 -49.71 22.38 -4.99
C THR B 78 -50.84 21.39 -4.74
N ASP B 79 -50.50 20.14 -4.46
CA ASP B 79 -51.53 19.14 -4.23
C ASP B 79 -52.30 19.45 -2.94
N LEU B 80 -51.58 19.70 -1.86
CA LEU B 80 -52.20 19.99 -0.58
C LEU B 80 -53.08 21.24 -0.67
N ASN B 81 -52.63 22.23 -1.43
CA ASN B 81 -53.38 23.48 -1.57
C ASN B 81 -54.62 23.39 -2.46
N SER B 82 -54.95 22.19 -2.92
CA SER B 82 -56.12 22.04 -3.77
C SER B 82 -57.23 21.29 -3.06
N LEU B 83 -57.13 21.20 -1.73
CA LEU B 83 -58.14 20.51 -0.95
C LEU B 83 -59.15 21.47 -0.34
N PRO B 84 -58.69 22.58 0.26
CA PRO B 84 -59.63 23.54 0.86
C PRO B 84 -60.32 24.42 -0.18
N THR B 105 -62.28 25.23 9.28
CA THR B 105 -60.98 25.96 9.34
C THR B 105 -59.93 25.19 10.13
N ALA B 106 -60.23 23.93 10.45
CA ALA B 106 -59.30 23.08 11.18
C ALA B 106 -58.29 22.48 10.23
N VAL B 107 -58.77 21.79 9.20
CA VAL B 107 -57.87 21.18 8.21
C VAL B 107 -57.19 22.29 7.43
N GLU B 108 -57.89 23.42 7.32
CA GLU B 108 -57.35 24.58 6.62
C GLU B 108 -56.18 25.12 7.43
N GLY B 109 -56.26 24.94 8.76
CA GLY B 109 -55.20 25.42 9.62
C GLY B 109 -53.95 24.56 9.49
N ALA B 110 -54.15 23.26 9.31
CA ALA B 110 -53.04 22.32 9.17
C ALA B 110 -52.28 22.53 7.86
N ILE B 111 -53.01 22.55 6.74
CA ILE B 111 -52.39 22.74 5.44
C ILE B 111 -51.65 24.07 5.37
N LYS B 112 -52.15 25.06 6.09
CA LYS B 112 -51.53 26.38 6.12
C LYS B 112 -50.13 26.25 6.71
N GLU B 113 -50.05 25.50 7.81
CA GLU B 113 -48.79 25.29 8.50
C GLU B 113 -47.82 24.41 7.69
N VAL B 114 -48.33 23.30 7.16
CA VAL B 114 -47.52 22.39 6.37
C VAL B 114 -46.96 23.08 5.14
N SER B 115 -47.79 23.86 4.44
CA SER B 115 -47.36 24.57 3.25
C SER B 115 -46.37 25.67 3.62
N GLU B 116 -46.27 25.93 4.91
CA GLU B 116 -45.37 26.94 5.44
C GLU B 116 -44.00 26.28 5.59
N LEU B 117 -44.04 25.04 6.06
CA LEU B 117 -42.83 24.25 6.24
C LEU B 117 -42.24 24.02 4.85
N LEU B 118 -43.10 23.68 3.90
CA LEU B 118 -42.66 23.42 2.54
C LEU B 118 -41.97 24.65 1.96
N ASP B 119 -42.44 25.85 2.29
CA ASP B 119 -41.80 27.07 1.80
C ASP B 119 -40.40 27.18 2.40
N LYS B 120 -40.27 26.82 3.68
CA LYS B 120 -38.97 26.87 4.33
C LYS B 120 -38.02 25.83 3.72
N LEU B 121 -38.53 24.62 3.50
CA LEU B 121 -37.71 23.56 2.92
C LEU B 121 -37.25 23.92 1.50
N VAL B 122 -38.16 24.47 0.69
CA VAL B 122 -37.81 24.84 -0.69
C VAL B 122 -36.75 25.94 -0.76
N LYS B 123 -36.89 26.95 0.09
CA LYS B 123 -35.92 28.05 0.13
C LYS B 123 -34.53 27.53 0.49
N ALA B 124 -34.45 26.68 1.51
CA ALA B 124 -33.17 26.12 1.93
C ALA B 124 -32.56 25.24 0.84
N VAL B 125 -33.40 24.48 0.13
CA VAL B 125 -32.93 23.60 -0.92
C VAL B 125 -32.36 24.40 -2.09
N LYS B 126 -32.94 25.58 -2.33
CA LYS B 126 -32.52 26.49 -3.40
C LYS B 126 -31.12 27.03 -3.19
N THR B 127 -30.72 27.18 -1.93
CA THR B 127 -29.39 27.66 -1.62
C THR B 127 -28.42 26.52 -1.93
N ALA B 128 -28.77 25.33 -1.47
CA ALA B 128 -27.93 24.17 -1.72
C ALA B 128 -27.81 23.94 -3.24
N GLU B 129 -28.93 24.12 -3.94
CA GLU B 129 -29.00 23.93 -5.39
C GLU B 129 -28.11 24.90 -6.15
N GLY B 130 -28.28 26.18 -5.88
CA GLY B 130 -27.48 27.19 -6.57
C GLY B 130 -25.99 27.05 -6.33
N ALA B 131 -25.63 26.49 -5.17
CA ALA B 131 -24.23 26.33 -4.80
C ALA B 131 -23.60 25.08 -5.44
N SER B 132 -24.43 24.14 -5.89
CA SER B 132 -23.94 22.92 -6.52
C SER B 132 -23.61 23.22 -7.97
N SER B 133 -22.63 24.09 -8.15
CA SER B 133 -22.17 24.56 -9.45
C SER B 133 -21.11 23.69 -10.15
N GLY B 134 -20.63 22.66 -9.47
CA GLY B 134 -19.61 21.80 -10.06
C GLY B 134 -20.05 21.09 -11.32
N THR B 135 -19.08 20.69 -12.15
CA THR B 135 -19.38 19.99 -13.40
C THR B 135 -18.55 18.71 -13.59
N ALA B 136 -17.43 18.62 -12.87
CA ALA B 136 -16.58 17.45 -13.00
C ALA B 136 -17.11 16.28 -12.19
N ALA B 137 -16.44 15.15 -12.29
CA ALA B 137 -16.85 13.95 -11.57
C ALA B 137 -16.81 14.18 -10.06
N ILE B 138 -17.72 13.51 -9.36
CA ILE B 138 -17.77 13.63 -7.92
C ILE B 138 -16.42 13.23 -7.33
N GLY B 139 -15.91 12.07 -7.72
CA GLY B 139 -14.63 11.61 -7.23
C GLY B 139 -13.48 11.89 -8.18
N GLU B 140 -13.35 13.13 -8.60
CA GLU B 140 -12.29 13.53 -9.51
C GLU B 140 -10.95 13.19 -8.89
N VAL B 141 -10.09 12.52 -9.66
CA VAL B 141 -8.76 12.14 -9.20
C VAL B 141 -7.70 12.71 -10.13
N VAL B 142 -6.75 13.46 -9.58
CA VAL B 142 -5.69 14.05 -10.39
C VAL B 142 -4.29 13.72 -9.87
N ALA B 143 -3.36 13.53 -10.82
CA ALA B 143 -1.97 13.20 -10.49
C ALA B 143 -1.01 14.25 -11.06
N ASP B 144 -1.57 15.19 -11.83
CA ASP B 144 -0.77 16.25 -12.44
C ASP B 144 -0.81 17.51 -11.60
N ALA B 145 0.36 17.97 -11.16
CA ALA B 145 0.48 19.15 -10.32
C ALA B 145 -0.23 20.39 -10.88
N ASP B 146 -0.42 20.44 -12.19
CA ASP B 146 -1.09 21.58 -12.79
C ASP B 146 -2.61 21.54 -12.65
N ALA B 147 -3.17 20.33 -12.70
CA ALA B 147 -4.62 20.15 -12.59
C ALA B 147 -5.15 20.26 -11.16
N ALA B 148 -4.31 19.99 -10.17
CA ALA B 148 -4.72 20.08 -8.77
C ALA B 148 -4.96 21.54 -8.40
N LYS B 149 -6.02 21.80 -7.64
CA LYS B 149 -6.36 23.15 -7.21
C LYS B 149 -7.19 23.14 -5.94
N VAL B 150 -7.61 24.32 -5.51
CA VAL B 150 -8.45 24.42 -4.31
C VAL B 150 -9.91 24.36 -4.77
N ALA B 151 -10.78 23.89 -3.90
CA ALA B 151 -12.19 23.79 -4.24
C ALA B 151 -12.80 25.18 -4.15
N ASP B 152 -13.71 25.49 -5.07
CA ASP B 152 -14.38 26.79 -5.08
C ASP B 152 -15.04 26.97 -3.71
N LYS B 153 -14.57 27.97 -2.96
CA LYS B 153 -15.10 28.23 -1.62
C LYS B 153 -16.56 28.68 -1.59
N ALA B 154 -17.01 29.32 -2.65
CA ALA B 154 -18.39 29.77 -2.71
C ALA B 154 -19.30 28.54 -2.75
N SER B 155 -18.91 27.57 -3.58
CA SER B 155 -19.65 26.34 -3.73
C SER B 155 -19.66 25.53 -2.41
N VAL B 156 -18.48 25.35 -1.81
CA VAL B 156 -18.38 24.61 -0.55
C VAL B 156 -19.18 25.24 0.60
N LYS B 157 -18.91 26.51 0.86
CA LYS B 157 -19.62 27.20 1.93
C LYS B 157 -21.10 27.24 1.59
N GLY B 158 -21.40 27.41 0.31
CA GLY B 158 -22.78 27.45 -0.15
C GLY B 158 -23.52 26.15 0.05
N ILE B 159 -22.88 25.03 -0.24
CA ILE B 159 -23.51 23.71 -0.06
C ILE B 159 -23.78 23.45 1.43
N ALA B 160 -22.78 23.71 2.26
CA ALA B 160 -22.89 23.50 3.70
C ALA B 160 -23.99 24.35 4.32
N LYS B 161 -24.03 25.63 3.94
CA LYS B 161 -25.05 26.54 4.46
C LYS B 161 -26.43 26.05 4.06
N GLY B 162 -26.55 25.62 2.80
CA GLY B 162 -27.82 25.12 2.32
C GLY B 162 -28.25 23.92 3.14
N ILE B 163 -27.31 23.01 3.38
CA ILE B 163 -27.61 21.81 4.16
C ILE B 163 -28.11 22.20 5.55
N LYS B 164 -27.45 23.19 6.14
CA LYS B 164 -27.86 23.67 7.45
C LYS B 164 -29.27 24.25 7.37
N GLU B 165 -29.50 25.11 6.37
CA GLU B 165 -30.80 25.74 6.20
C GLU B 165 -31.91 24.73 6.02
N ILE B 166 -31.59 23.59 5.42
CA ILE B 166 -32.56 22.54 5.21
C ILE B 166 -32.83 21.83 6.54
N VAL B 167 -31.77 21.55 7.28
CA VAL B 167 -31.90 20.87 8.57
C VAL B 167 -32.74 21.71 9.53
N GLU B 168 -32.49 23.00 9.54
CA GLU B 168 -33.21 23.92 10.42
C GLU B 168 -34.66 24.08 9.97
N ALA B 169 -34.87 24.30 8.66
CA ALA B 169 -36.22 24.45 8.12
C ALA B 169 -37.10 23.28 8.52
N ALA B 170 -36.52 22.08 8.57
CA ALA B 170 -37.25 20.89 8.94
C ALA B 170 -37.31 20.72 10.46
N GLY B 171 -36.65 21.62 11.18
CA GLY B 171 -36.63 21.55 12.63
C GLY B 171 -35.96 20.30 13.15
N GLY B 172 -34.86 19.89 12.53
CA GLY B 172 -34.15 18.71 12.96
C GLY B 172 -32.73 19.04 13.38
N SER B 173 -32.44 20.34 13.48
CA SER B 173 -31.10 20.77 13.86
C SER B 173 -30.61 20.10 15.15
N GLU B 174 -31.33 20.31 16.24
CA GLU B 174 -30.97 19.72 17.52
C GLU B 174 -30.91 18.20 17.43
N LYS B 175 -31.83 17.62 16.67
CA LYS B 175 -31.88 16.17 16.49
C LYS B 175 -30.56 15.71 15.85
N LEU B 176 -30.27 16.25 14.67
CA LEU B 176 -29.06 15.90 13.92
C LEU B 176 -27.79 16.02 14.76
N LYS B 177 -27.59 17.17 15.40
CA LYS B 177 -26.40 17.39 16.21
C LYS B 177 -26.34 16.43 17.39
N ALA B 178 -27.47 15.85 17.76
CA ALA B 178 -27.51 14.91 18.89
C ALA B 178 -26.97 13.55 18.49
N VAL B 179 -26.80 13.32 17.19
CA VAL B 179 -26.28 12.04 16.72
C VAL B 179 -24.86 11.85 17.26
N ALA B 180 -24.62 10.70 17.88
CA ALA B 180 -23.31 10.41 18.45
C ALA B 180 -22.19 10.54 17.41
N ALA B 181 -21.15 11.30 17.77
CA ALA B 181 -20.00 11.50 16.91
C ALA B 181 -19.26 10.19 16.71
N ALA B 182 -18.42 10.14 15.67
CA ALA B 182 -17.65 8.94 15.38
C ALA B 182 -16.38 8.92 16.20
N LYS B 183 -15.96 7.72 16.60
CA LYS B 183 -14.73 7.55 17.38
C LYS B 183 -13.78 6.71 16.54
N GLY B 184 -12.48 6.94 16.71
CA GLY B 184 -11.50 6.18 15.95
C GLY B 184 -10.20 6.91 15.75
N GLU B 185 -10.14 7.75 14.72
CA GLU B 185 -8.96 8.55 14.40
C GLU B 185 -7.80 7.82 13.72
N ASN B 186 -8.08 6.68 13.11
CA ASN B 186 -7.03 5.94 12.43
C ASN B 186 -6.98 6.21 10.92
N ASN B 187 -7.88 7.05 10.42
CA ASN B 187 -7.91 7.36 9.00
C ASN B 187 -7.45 8.77 8.62
N LYS B 188 -6.76 9.45 9.53
CA LYS B 188 -6.29 10.82 9.27
C LYS B 188 -5.36 10.86 8.06
N GLY B 189 -4.91 9.70 7.63
CA GLY B 189 -4.04 9.62 6.46
C GLY B 189 -4.79 10.00 5.19
N ALA B 190 -6.11 10.15 5.30
CA ALA B 190 -6.94 10.53 4.15
C ALA B 190 -6.68 11.97 3.73
N GLY B 191 -6.09 12.76 4.63
CA GLY B 191 -5.81 14.15 4.32
C GLY B 191 -4.81 14.36 3.20
N LYS B 192 -4.01 13.35 2.89
CA LYS B 192 -3.02 13.46 1.83
C LYS B 192 -3.66 13.68 0.46
N LEU B 193 -4.95 13.38 0.37
CA LEU B 193 -5.68 13.54 -0.88
C LEU B 193 -6.06 14.99 -1.09
N PHE B 194 -6.04 15.77 -0.02
CA PHE B 194 -6.40 17.18 -0.08
C PHE B 194 -5.20 18.08 -0.33
N GLY B 195 -4.03 17.46 -0.49
CA GLY B 195 -2.82 18.24 -0.74
C GLY B 195 -2.63 18.54 -2.22
N LYS B 196 -1.39 18.72 -2.64
CA LYS B 196 -1.10 18.99 -4.04
C LYS B 196 -0.91 17.66 -4.77
N ALA B 197 -0.71 17.74 -6.08
CA ALA B 197 -0.51 16.55 -6.90
C ALA B 197 0.86 16.62 -7.56
N GLY B 198 1.34 15.49 -8.06
CA GLY B 198 2.64 15.48 -8.70
C GLY B 198 3.73 14.81 -7.90
N ALA B 199 4.98 15.12 -8.23
CA ALA B 199 6.14 14.55 -7.55
C ALA B 199 6.20 14.95 -6.08
N ALA B 200 5.72 16.14 -5.77
CA ALA B 200 5.73 16.65 -4.39
C ALA B 200 4.45 16.32 -3.66
N ALA B 201 3.69 15.35 -4.18
CA ALA B 201 2.44 14.95 -3.57
C ALA B 201 2.63 13.79 -2.59
N HIS B 202 1.65 13.61 -1.72
CA HIS B 202 1.68 12.55 -0.71
C HIS B 202 0.57 11.53 -0.95
N GLY B 203 -0.48 11.97 -1.65
CA GLY B 203 -1.60 11.09 -1.92
C GLY B 203 -1.24 9.82 -2.67
N ASP B 204 -1.71 8.69 -2.16
CA ASP B 204 -1.44 7.40 -2.77
C ASP B 204 -2.58 6.42 -2.53
N SER B 205 -2.36 5.17 -2.92
CA SER B 205 -3.37 4.13 -2.75
C SER B 205 -3.80 3.93 -1.31
N GLU B 206 -2.86 4.05 -0.37
CA GLU B 206 -3.18 3.88 1.04
C GLU B 206 -4.03 5.04 1.57
N ALA B 207 -3.72 6.26 1.16
CA ALA B 207 -4.46 7.43 1.59
C ALA B 207 -5.90 7.37 1.07
N ALA B 208 -6.08 6.73 -0.09
CA ALA B 208 -7.41 6.60 -0.69
C ALA B 208 -8.21 5.57 0.12
N SER B 209 -7.55 4.49 0.50
CA SER B 209 -8.19 3.44 1.30
C SER B 209 -8.62 3.99 2.65
N LYS B 210 -7.84 4.92 3.18
CA LYS B 210 -8.17 5.55 4.46
C LYS B 210 -9.46 6.36 4.30
N ALA B 211 -9.53 7.10 3.20
CA ALA B 211 -10.70 7.92 2.88
C ALA B 211 -11.93 7.03 2.79
N ALA B 212 -11.80 5.92 2.08
CA ALA B 212 -12.92 5.00 1.93
C ALA B 212 -13.27 4.33 3.27
N GLY B 213 -12.29 4.20 4.15
CA GLY B 213 -12.52 3.58 5.44
C GLY B 213 -13.32 4.48 6.37
N ALA B 214 -12.92 5.74 6.44
CA ALA B 214 -13.63 6.71 7.27
C ALA B 214 -15.11 6.79 6.86
N VAL B 215 -15.34 6.97 5.56
CA VAL B 215 -16.71 7.05 5.06
C VAL B 215 -17.52 5.80 5.39
N SER B 216 -16.95 4.63 5.15
CA SER B 216 -17.64 3.37 5.41
C SER B 216 -18.02 3.17 6.88
N ALA B 217 -17.28 3.80 7.79
CA ALA B 217 -17.53 3.65 9.22
C ALA B 217 -18.56 4.61 9.79
N VAL B 218 -19.13 5.46 8.95
CA VAL B 218 -20.10 6.43 9.43
C VAL B 218 -21.42 6.45 8.67
N SER B 219 -22.49 6.83 9.36
CA SER B 219 -23.82 6.91 8.76
C SER B 219 -23.99 8.26 8.07
N GLY B 220 -25.07 8.41 7.31
CA GLY B 220 -25.32 9.67 6.63
C GLY B 220 -25.67 10.77 7.63
N GLU B 221 -26.41 10.42 8.67
CA GLU B 221 -26.77 11.42 9.68
C GLU B 221 -25.53 12.01 10.33
N GLN B 222 -24.56 11.16 10.65
CA GLN B 222 -23.31 11.61 11.28
C GLN B 222 -22.54 12.60 10.40
N ILE B 223 -22.48 12.32 9.10
CA ILE B 223 -21.79 13.19 8.18
C ILE B 223 -22.59 14.47 8.04
N LEU B 224 -23.91 14.33 7.95
CA LEU B 224 -24.78 15.51 7.84
C LEU B 224 -24.60 16.37 9.10
N SER B 225 -24.49 15.73 10.26
CA SER B 225 -24.32 16.47 11.51
C SER B 225 -23.01 17.24 11.50
N ALA B 226 -21.93 16.60 11.05
CA ALA B 226 -20.64 17.26 10.98
C ALA B 226 -20.73 18.49 10.08
N ILE B 227 -21.48 18.36 8.98
CA ILE B 227 -21.61 19.47 8.05
C ILE B 227 -22.41 20.65 8.60
N VAL B 228 -23.56 20.37 9.20
CA VAL B 228 -24.38 21.42 9.77
C VAL B 228 -23.60 22.19 10.83
N THR B 229 -22.92 21.46 11.71
CA THR B 229 -22.14 22.09 12.76
C THR B 229 -21.03 22.97 12.20
N ALA B 230 -20.37 22.49 11.16
CA ALA B 230 -19.29 23.25 10.55
C ALA B 230 -19.78 24.48 9.79
N ALA B 231 -21.04 24.45 9.36
CA ALA B 231 -21.59 25.59 8.62
C ALA B 231 -21.61 26.85 9.49
N ASP B 232 -21.65 26.66 10.81
CA ASP B 232 -21.65 27.79 11.73
C ASP B 232 -20.25 28.25 12.12
N ALA B 233 -19.36 27.29 12.34
CA ALA B 233 -17.98 27.58 12.71
C ALA B 233 -17.44 28.86 12.09
N ALA B 234 -16.64 29.59 12.86
CA ALA B 234 -16.02 30.82 12.38
C ALA B 234 -14.77 30.34 11.66
N GLU B 235 -14.21 31.15 10.78
CA GLU B 235 -13.04 30.71 10.05
C GLU B 235 -13.42 29.50 9.19
N GLN B 236 -13.97 29.75 8.00
CA GLN B 236 -14.36 28.69 7.10
C GLN B 236 -13.53 28.77 5.83
N ASP B 237 -12.37 29.41 5.90
CA ASP B 237 -11.50 29.54 4.74
C ASP B 237 -10.62 28.30 4.65
N GLY B 238 -10.29 27.90 3.43
CA GLY B 238 -9.48 26.72 3.20
C GLY B 238 -8.11 26.67 3.86
N LYS B 239 -7.83 25.55 4.51
CA LYS B 239 -6.56 25.33 5.18
C LYS B 239 -6.01 23.94 4.84
N LYS B 240 -4.70 23.77 4.96
CA LYS B 240 -4.06 22.50 4.67
C LYS B 240 -4.49 21.46 5.70
N PRO B 241 -4.44 20.17 5.34
CA PRO B 241 -4.83 19.06 6.21
C PRO B 241 -4.28 19.18 7.62
N GLU B 242 -3.04 19.62 7.74
CA GLU B 242 -2.39 19.76 9.04
C GLU B 242 -3.08 20.78 9.95
N GLU B 243 -3.65 21.82 9.35
CA GLU B 243 -4.29 22.87 10.13
C GLU B 243 -5.83 22.85 10.23
N ALA B 244 -6.51 22.53 9.14
CA ALA B 244 -7.97 22.50 9.12
C ALA B 244 -8.62 22.09 10.45
N LYS B 245 -9.58 22.87 10.91
CA LYS B 245 -10.27 22.57 12.17
C LYS B 245 -11.67 22.02 11.92
N ASN B 246 -12.15 22.16 10.69
CA ASN B 246 -13.48 21.67 10.34
C ASN B 246 -13.57 21.23 8.86
N PRO B 247 -14.57 20.40 8.53
CA PRO B 247 -14.84 19.86 7.20
C PRO B 247 -14.87 20.87 6.05
N ILE B 248 -15.42 22.06 6.30
CA ILE B 248 -15.47 23.10 5.27
C ILE B 248 -14.06 23.60 4.99
N ALA B 249 -13.31 23.82 6.06
CA ALA B 249 -11.93 24.29 5.96
C ALA B 249 -11.07 23.31 5.18
N ALA B 250 -11.22 22.02 5.46
CA ALA B 250 -10.44 20.99 4.78
C ALA B 250 -10.89 20.82 3.33
N ALA B 251 -12.21 20.77 3.13
CA ALA B 251 -12.81 20.61 1.81
C ALA B 251 -12.27 21.64 0.83
N ILE B 252 -12.28 22.91 1.23
CA ILE B 252 -11.76 23.99 0.40
C ILE B 252 -10.28 23.72 0.15
N GLY B 253 -9.51 23.65 1.24
CA GLY B 253 -8.09 23.37 1.13
C GLY B 253 -7.18 24.57 0.90
N ASP B 254 -5.91 24.27 0.61
CA ASP B 254 -4.92 25.29 0.36
C ASP B 254 -3.98 24.82 -0.76
N LYS B 255 -3.35 25.76 -1.45
CA LYS B 255 -2.45 25.41 -2.54
C LYS B 255 -1.16 24.70 -2.14
N ASP B 256 -0.81 24.74 -0.86
CA ASP B 256 0.40 24.07 -0.40
C ASP B 256 0.09 22.62 -0.04
N GLY B 257 -1.11 22.40 0.49
CA GLY B 257 -1.54 21.06 0.86
C GLY B 257 -0.60 20.42 1.88
N GLY B 258 -0.61 19.10 1.94
CA GLY B 258 0.25 18.42 2.88
C GLY B 258 -0.08 16.96 3.10
N ALA B 259 0.23 16.46 4.29
CA ALA B 259 -0.01 15.07 4.63
C ALA B 259 -1.35 14.81 5.31
N GLU B 260 -1.31 14.08 6.41
CA GLU B 260 -2.49 13.72 7.17
C GLU B 260 -3.20 14.92 7.80
N PHE B 261 -4.33 14.64 8.44
CA PHE B 261 -5.08 15.65 9.15
C PHE B 261 -4.46 15.71 10.54
N GLY B 262 -3.96 16.88 10.92
CA GLY B 262 -3.29 17.04 12.20
C GLY B 262 -4.09 17.47 13.43
N GLN B 263 -5.21 18.14 13.24
CA GLN B 263 -6.01 18.59 14.37
C GLN B 263 -6.95 17.50 14.88
N ASP B 264 -7.09 17.39 16.19
CA ASP B 264 -7.97 16.40 16.76
C ASP B 264 -9.37 16.54 16.21
N GLU B 265 -9.74 17.78 15.85
CA GLU B 265 -11.07 18.09 15.29
C GLU B 265 -11.34 17.10 14.18
N MSE B 266 -10.52 17.17 13.14
CA MSE B 266 -10.63 16.26 12.02
C MSE B 266 -10.21 14.90 12.59
O MSE B 266 -10.56 14.59 13.73
CB MSE B 266 -9.71 16.72 10.90
CG MSE B 266 -10.08 18.11 10.37
SE MSE B 266 -11.89 18.21 9.60
CE MSE B 266 -11.67 16.81 8.28
N LYS B 267 -9.48 14.09 11.85
CA LYS B 267 -9.08 12.79 12.39
C LYS B 267 -10.25 11.83 12.62
N LYS B 268 -11.39 12.34 13.06
CA LYS B 268 -12.55 11.47 13.28
C LYS B 268 -13.11 11.08 11.92
N ASP B 269 -13.63 9.87 11.79
CA ASP B 269 -14.18 9.41 10.52
C ASP B 269 -15.27 10.34 9.98
N ASP B 270 -16.20 10.76 10.83
CA ASP B 270 -17.29 11.63 10.40
C ASP B 270 -16.85 13.02 9.92
N GLN B 271 -15.82 13.57 10.54
CA GLN B 271 -15.34 14.88 10.12
C GLN B 271 -14.62 14.73 8.77
N ILE B 272 -13.89 13.62 8.61
CA ILE B 272 -13.17 13.32 7.38
C ILE B 272 -14.16 13.03 6.26
N ALA B 273 -15.23 12.31 6.59
CA ALA B 273 -16.27 11.99 5.62
C ALA B 273 -16.93 13.28 5.14
N ALA B 274 -17.19 14.19 6.07
CA ALA B 274 -17.80 15.48 5.75
C ALA B 274 -16.95 16.25 4.75
N ALA B 275 -15.63 16.19 4.94
CA ALA B 275 -14.69 16.86 4.06
C ALA B 275 -14.67 16.20 2.69
N ILE B 276 -14.71 14.87 2.68
CA ILE B 276 -14.72 14.14 1.41
C ILE B 276 -15.98 14.55 0.64
N ALA B 277 -17.12 14.52 1.32
CA ALA B 277 -18.40 14.86 0.72
C ALA B 277 -18.46 16.27 0.15
N LEU B 278 -18.07 17.25 0.96
CA LEU B 278 -18.09 18.66 0.54
C LEU B 278 -17.19 18.91 -0.66
N ARG B 279 -15.99 18.31 -0.64
CA ARG B 279 -15.06 18.47 -1.74
C ARG B 279 -15.63 17.78 -2.97
N GLY B 280 -16.15 16.56 -2.77
CA GLY B 280 -16.73 15.81 -3.86
C GLY B 280 -17.94 16.48 -4.49
N MSE B 281 -18.71 17.22 -3.69
CA MSE B 281 -19.89 17.90 -4.22
C MSE B 281 -19.56 19.26 -4.85
O MSE B 281 -20.16 19.65 -5.86
CB MSE B 281 -20.93 18.12 -3.11
CG MSE B 281 -21.66 16.87 -2.65
SE MSE B 281 -22.84 17.18 -1.12
CE MSE B 281 -24.15 18.32 -1.95
N ALA B 282 -18.60 19.97 -4.26
CA ALA B 282 -18.21 21.31 -4.70
C ALA B 282 -17.49 21.43 -6.05
N LYS B 283 -17.62 22.61 -6.65
CA LYS B 283 -16.97 22.91 -7.93
C LYS B 283 -15.47 22.93 -7.68
N ASP B 284 -14.68 22.60 -8.70
CA ASP B 284 -13.22 22.57 -8.56
C ASP B 284 -12.74 21.64 -7.44
N GLY B 285 -13.66 20.86 -6.86
CA GLY B 285 -13.27 19.95 -5.78
C GLY B 285 -12.65 18.66 -6.27
N LYS B 286 -11.32 18.59 -6.24
CA LYS B 286 -10.62 17.39 -6.70
C LYS B 286 -9.66 16.81 -5.67
N PHE B 287 -9.47 15.49 -5.75
CA PHE B 287 -8.59 14.75 -4.85
C PHE B 287 -7.29 14.48 -5.61
N ALA B 288 -6.16 14.63 -4.94
CA ALA B 288 -4.88 14.44 -5.59
C ALA B 288 -4.04 13.28 -5.10
N VAL B 289 -3.27 12.70 -6.02
CA VAL B 289 -2.38 11.59 -5.71
C VAL B 289 -1.04 11.85 -6.42
N LYS B 290 0.03 11.22 -5.95
CA LYS B 290 1.32 11.42 -6.58
C LYS B 290 1.41 10.62 -7.87
N ASP B 291 2.39 10.93 -8.70
CA ASP B 291 2.59 10.23 -9.97
C ASP B 291 2.73 8.72 -9.81
N GLY B 292 1.96 7.98 -10.59
CA GLY B 292 2.02 6.52 -10.54
C GLY B 292 1.03 5.88 -9.58
N GLU B 293 0.16 6.69 -8.98
CA GLU B 293 -0.83 6.15 -8.06
C GLU B 293 -2.26 6.31 -8.56
N LYS B 294 -2.47 7.26 -9.45
CA LYS B 294 -3.80 7.52 -9.99
C LYS B 294 -4.61 6.23 -10.19
N GLU B 295 -4.22 5.44 -11.17
CA GLU B 295 -4.90 4.20 -11.49
C GLU B 295 -4.97 3.33 -10.23
N LYS B 296 -3.92 3.40 -9.43
CA LYS B 296 -3.79 2.62 -8.21
C LYS B 296 -4.69 3.06 -7.04
N ALA B 297 -5.15 4.31 -7.05
CA ALA B 297 -5.97 4.82 -5.95
C ALA B 297 -7.33 5.43 -6.35
N GLU B 298 -7.49 5.69 -7.63
CA GLU B 298 -8.69 6.28 -8.19
C GLU B 298 -9.97 5.54 -7.81
N GLY B 299 -9.92 4.22 -7.80
CA GLY B 299 -11.10 3.45 -7.45
C GLY B 299 -11.53 3.69 -6.02
N ALA B 300 -10.58 3.66 -5.10
CA ALA B 300 -10.88 3.87 -3.70
C ALA B 300 -11.34 5.30 -3.49
N ILE B 301 -10.89 6.19 -4.37
CA ILE B 301 -11.28 7.59 -4.25
C ILE B 301 -12.70 7.82 -4.77
N LYS B 302 -13.07 7.15 -5.87
CA LYS B 302 -14.41 7.27 -6.42
C LYS B 302 -15.35 6.68 -5.36
N GLY B 303 -14.97 5.52 -4.86
CA GLY B 303 -15.74 4.84 -3.85
C GLY B 303 -16.10 5.68 -2.64
N ALA B 304 -15.10 6.33 -2.06
CA ALA B 304 -15.30 7.14 -0.86
C ALA B 304 -16.20 8.36 -1.06
N ALA B 305 -15.95 9.10 -2.14
CA ALA B 305 -16.72 10.29 -2.43
C ALA B 305 -18.15 9.97 -2.87
N GLU B 306 -18.31 8.97 -3.74
CA GLU B 306 -19.64 8.61 -4.20
C GLU B 306 -20.46 8.08 -3.01
N SER B 307 -19.80 7.33 -2.15
CA SER B 307 -20.47 6.79 -0.98
C SER B 307 -20.77 7.89 0.03
N ALA B 308 -19.86 8.86 0.16
CA ALA B 308 -20.01 9.97 1.09
C ALA B 308 -21.16 10.86 0.69
N VAL B 309 -21.16 11.27 -0.57
CA VAL B 309 -22.21 12.12 -1.09
C VAL B 309 -23.55 11.39 -1.04
N ARG B 310 -23.55 10.12 -1.45
CA ARG B 310 -24.77 9.31 -1.46
C ARG B 310 -25.39 9.27 -0.07
N LYS B 311 -24.59 8.99 0.95
CA LYS B 311 -25.11 8.94 2.31
C LYS B 311 -25.64 10.29 2.78
N VAL B 312 -24.95 11.36 2.43
CA VAL B 312 -25.39 12.69 2.84
C VAL B 312 -26.74 13.05 2.22
N LEU B 313 -26.90 12.78 0.93
CA LEU B 313 -28.15 13.08 0.24
C LEU B 313 -29.25 12.16 0.76
N GLY B 314 -28.86 10.96 1.16
CA GLY B 314 -29.83 10.02 1.70
C GLY B 314 -30.32 10.50 3.06
N ALA B 315 -29.44 11.11 3.84
CA ALA B 315 -29.81 11.60 5.17
C ALA B 315 -30.78 12.78 5.03
N ILE B 316 -30.49 13.65 4.06
CA ILE B 316 -31.30 14.81 3.78
C ILE B 316 -32.71 14.36 3.34
N THR B 317 -32.74 13.34 2.50
CA THR B 317 -34.01 12.79 2.01
C THR B 317 -34.82 12.21 3.15
N GLY B 318 -34.14 11.53 4.07
CA GLY B 318 -34.84 10.95 5.20
C GLY B 318 -35.36 12.03 6.13
N LEU B 319 -34.57 13.08 6.32
CA LEU B 319 -34.96 14.18 7.18
C LEU B 319 -36.16 14.92 6.60
N ILE B 320 -36.05 15.31 5.33
CA ILE B 320 -37.11 16.01 4.66
C ILE B 320 -38.37 15.14 4.63
N GLY B 321 -38.20 13.86 4.26
CA GLY B 321 -39.33 12.95 4.20
C GLY B 321 -40.06 12.85 5.53
N ASP B 322 -39.28 12.79 6.61
CA ASP B 322 -39.83 12.69 7.96
C ASP B 322 -40.65 13.94 8.28
N ALA B 323 -40.01 15.11 8.22
CA ALA B 323 -40.67 16.38 8.53
C ALA B 323 -41.97 16.56 7.73
N VAL B 324 -41.92 16.25 6.44
CA VAL B 324 -43.08 16.39 5.58
C VAL B 324 -44.15 15.35 5.90
N SER B 325 -43.73 14.14 6.22
CA SER B 325 -44.69 13.10 6.55
C SER B 325 -45.43 13.46 7.84
N SER B 326 -44.75 14.18 8.71
CA SER B 326 -45.38 14.58 9.98
C SER B 326 -46.46 15.60 9.64
N GLY B 327 -46.15 16.46 8.68
CA GLY B 327 -47.09 17.48 8.27
C GLY B 327 -48.33 16.86 7.67
N LEU B 328 -48.15 15.86 6.82
CA LEU B 328 -49.29 15.18 6.20
C LEU B 328 -50.06 14.41 7.27
N ARG B 329 -49.37 14.06 8.35
CA ARG B 329 -49.98 13.34 9.45
C ARG B 329 -50.92 14.32 10.12
N LYS B 330 -50.45 15.56 10.28
CA LYS B 330 -51.26 16.61 10.90
C LYS B 330 -52.51 16.86 10.06
N VAL B 331 -52.30 17.18 8.79
CA VAL B 331 -53.42 17.45 7.88
C VAL B 331 -54.36 16.25 7.86
N GLY B 332 -53.79 15.06 7.94
CA GLY B 332 -54.60 13.85 7.93
C GLY B 332 -55.53 13.76 9.12
N ASP B 333 -54.98 13.97 10.32
CA ASP B 333 -55.79 13.90 11.53
C ASP B 333 -56.88 14.97 11.50
N SER B 334 -56.55 16.15 10.98
CA SER B 334 -57.53 17.22 10.89
C SER B 334 -58.81 16.69 10.27
N VAL B 335 -58.66 15.78 9.31
CA VAL B 335 -59.81 15.18 8.64
C VAL B 335 -60.65 14.40 9.65
N LYS B 336 -61.47 15.11 10.42
CA LYS B 336 -62.33 14.51 11.42
C LYS B 336 -63.47 15.45 11.84
N GLY C 44 43.75 -12.54 11.30
CA GLY C 44 44.57 -11.98 10.18
C GLY C 44 43.70 -11.49 9.04
N GLY C 45 43.70 -12.21 7.93
CA GLY C 45 42.91 -11.82 6.79
C GLY C 45 41.42 -11.98 7.12
N LEU C 46 41.12 -12.96 7.95
CA LEU C 46 39.75 -13.23 8.35
C LEU C 46 39.23 -12.13 9.27
N VAL C 47 39.98 -11.84 10.34
CA VAL C 47 39.58 -10.79 11.28
C VAL C 47 39.29 -9.51 10.50
N ALA C 48 40.11 -9.24 9.49
CA ALA C 48 39.96 -8.05 8.63
C ALA C 48 38.68 -8.13 7.80
N GLU C 49 38.16 -9.35 7.64
CA GLU C 49 36.94 -9.59 6.88
C GLU C 49 35.78 -9.50 7.85
N ALA C 50 36.03 -9.95 9.09
CA ALA C 50 35.01 -9.89 10.14
C ALA C 50 34.60 -8.43 10.17
N PHE C 51 35.57 -7.58 10.43
CA PHE C 51 35.35 -6.14 10.44
C PHE C 51 35.39 -5.86 8.96
N GLY C 52 34.62 -4.90 8.48
CA GLY C 52 34.64 -4.66 7.05
C GLY C 52 33.35 -5.21 6.46
N PHE C 53 33.01 -6.45 6.84
CA PHE C 53 31.77 -7.07 6.37
C PHE C 53 30.95 -7.53 7.57
N LYS C 54 31.04 -6.77 8.65
CA LYS C 54 30.32 -7.09 9.89
C LYS C 54 28.86 -6.72 9.74
N SER C 55 27.98 -7.42 10.45
CA SER C 55 26.58 -7.05 10.38
C SER C 55 26.41 -5.87 11.36
N ASP C 56 25.35 -5.09 11.16
CA ASP C 56 25.06 -3.96 12.03
C ASP C 56 26.22 -3.00 12.26
N PRO C 57 26.89 -2.56 11.18
CA PRO C 57 28.01 -1.64 11.30
C PRO C 57 27.54 -0.31 11.91
N LYS C 58 28.39 0.31 12.71
CA LYS C 58 28.07 1.58 13.35
C LYS C 58 28.99 2.68 12.85
N LYS C 59 28.65 3.93 13.17
CA LYS C 59 29.44 5.08 12.77
C LYS C 59 30.74 5.13 13.57
N SER C 60 30.78 4.39 14.68
CA SER C 60 31.96 4.35 15.52
C SER C 60 32.93 3.33 14.93
N ASP C 61 32.42 2.45 14.07
CA ASP C 61 33.28 1.46 13.42
C ASP C 61 34.12 2.21 12.40
N VAL C 62 33.53 3.26 11.84
CA VAL C 62 34.20 4.08 10.86
C VAL C 62 35.39 4.78 11.51
N LYS C 63 35.17 5.26 12.74
CA LYS C 63 36.23 5.93 13.47
C LYS C 63 37.36 4.92 13.63
N THR C 64 37.01 3.73 14.13
CA THR C 64 37.98 2.67 14.35
C THR C 64 38.81 2.42 13.09
N TYR C 65 38.16 2.50 11.92
CA TYR C 65 38.89 2.31 10.68
C TYR C 65 40.02 3.33 10.57
N PHE C 66 39.67 4.61 10.64
CA PHE C 66 40.66 5.67 10.55
C PHE C 66 41.63 5.59 11.72
N THR C 67 41.16 5.03 12.83
CA THR C 67 41.99 4.88 14.02
C THR C 67 43.04 3.81 13.81
N THR C 68 42.61 2.63 13.40
CA THR C 68 43.51 1.52 13.15
C THR C 68 44.53 1.95 12.09
N VAL C 69 44.06 2.65 11.07
CA VAL C 69 44.93 3.13 10.00
C VAL C 69 45.97 4.13 10.48
N ALA C 70 45.54 5.21 11.13
CA ALA C 70 46.48 6.22 11.64
C ALA C 70 47.52 5.55 12.52
N ALA C 71 47.06 4.65 13.38
CA ALA C 71 47.94 3.92 14.29
C ALA C 71 49.04 3.18 13.55
N LYS C 72 48.65 2.19 12.75
CA LYS C 72 49.61 1.39 11.98
C LYS C 72 50.62 2.24 11.22
N LEU C 73 50.17 3.36 10.68
CA LEU C 73 51.09 4.22 9.96
C LEU C 73 52.19 4.69 10.90
N GLU C 74 51.80 5.09 12.11
CA GLU C 74 52.78 5.54 13.10
C GLU C 74 53.64 4.35 13.49
N LYS C 75 53.00 3.18 13.62
CA LYS C 75 53.67 1.95 13.98
C LYS C 75 54.68 1.60 12.90
N THR C 76 54.67 2.37 11.82
CA THR C 76 55.57 2.15 10.70
C THR C 76 56.62 3.25 10.63
N LYS C 77 56.17 4.50 10.62
CA LYS C 77 57.09 5.63 10.57
C LYS C 77 58.05 5.55 11.76
N THR C 78 57.57 4.95 12.84
CA THR C 78 58.39 4.78 14.04
C THR C 78 59.46 3.77 13.71
N ASP C 79 59.04 2.52 13.55
CA ASP C 79 59.95 1.43 13.21
C ASP C 79 60.85 1.86 12.05
N LEU C 80 60.36 2.79 11.24
CA LEU C 80 61.10 3.29 10.09
C LEU C 80 62.40 3.99 10.50
N ASN C 81 62.28 5.23 10.96
CA ASN C 81 63.45 6.00 11.38
C ASN C 81 64.17 5.38 12.57
N SER C 82 63.82 4.14 12.88
CA SER C 82 64.43 3.43 13.99
C SER C 82 65.47 2.43 13.48
N THR C 105 73.06 10.32 1.88
CA THR C 105 73.10 8.96 1.26
C THR C 105 71.77 8.61 0.61
N ALA C 106 71.75 7.52 -0.16
CA ALA C 106 70.53 7.10 -0.83
C ALA C 106 69.53 6.60 0.19
N VAL C 107 70.03 6.02 1.28
CA VAL C 107 69.18 5.50 2.35
C VAL C 107 68.39 6.61 3.03
N GLU C 108 69.09 7.53 3.67
CA GLU C 108 68.45 8.64 4.37
C GLU C 108 67.63 9.49 3.40
N GLY C 109 68.15 9.68 2.20
CA GLY C 109 67.44 10.47 1.20
C GLY C 109 66.10 9.84 0.84
N ALA C 110 66.03 8.52 0.91
CA ALA C 110 64.79 7.81 0.59
C ALA C 110 63.92 7.67 1.83
N ILE C 111 64.53 7.61 3.00
CA ILE C 111 63.78 7.48 4.24
C ILE C 111 63.08 8.79 4.57
N LYS C 112 63.80 9.89 4.42
CA LYS C 112 63.25 11.22 4.70
C LYS C 112 62.11 11.51 3.72
N GLU C 113 62.08 10.75 2.63
CA GLU C 113 61.04 10.93 1.62
C GLU C 113 59.79 10.15 1.97
N VAL C 114 59.97 8.97 2.55
CA VAL C 114 58.83 8.14 2.91
C VAL C 114 58.25 8.52 4.28
N SER C 115 59.12 8.87 5.23
CA SER C 115 58.63 9.27 6.54
C SER C 115 57.83 10.55 6.31
N GLU C 116 58.21 11.29 5.28
CA GLU C 116 57.54 12.52 4.89
C GLU C 116 56.15 12.18 4.34
N LEU C 117 56.11 11.15 3.50
CA LEU C 117 54.85 10.69 2.91
C LEU C 117 53.91 10.16 4.00
N LEU C 118 54.48 9.39 4.93
CA LEU C 118 53.70 8.82 6.02
C LEU C 118 53.09 9.92 6.88
N ASP C 119 53.95 10.82 7.32
CA ASP C 119 53.52 11.95 8.15
C ASP C 119 52.28 12.59 7.55
N LYS C 120 52.35 12.88 6.26
CA LYS C 120 51.27 13.51 5.53
C LYS C 120 49.97 12.71 5.66
N LEU C 121 50.08 11.40 5.48
CA LEU C 121 48.93 10.50 5.56
C LEU C 121 48.31 10.47 6.94
N VAL C 122 49.13 10.22 7.96
CA VAL C 122 48.63 10.16 9.33
C VAL C 122 47.81 11.41 9.64
N LYS C 123 48.34 12.57 9.30
CA LYS C 123 47.63 13.83 9.53
C LYS C 123 46.30 13.86 8.77
N ALA C 124 46.30 13.36 7.54
CA ALA C 124 45.09 13.32 6.74
C ALA C 124 44.10 12.40 7.43
N VAL C 125 44.52 11.14 7.63
CA VAL C 125 43.70 10.13 8.28
C VAL C 125 43.28 10.58 9.68
N LYS C 126 44.09 11.42 10.29
CA LYS C 126 43.80 11.90 11.64
C LYS C 126 42.65 12.89 11.59
N THR C 127 42.52 13.57 10.46
CA THR C 127 41.45 14.54 10.25
C THR C 127 40.15 13.75 10.16
N ALA C 128 40.14 12.75 9.28
CA ALA C 128 38.96 11.89 9.10
C ALA C 128 38.55 11.24 10.42
N GLU C 129 39.52 10.75 11.18
CA GLU C 129 39.23 10.11 12.45
C GLU C 129 38.51 11.08 13.40
N GLY C 130 38.99 12.32 13.45
CA GLY C 130 38.39 13.30 14.31
C GLY C 130 36.95 13.52 13.94
N ALA C 131 36.70 13.74 12.65
CA ALA C 131 35.37 14.00 12.13
C ALA C 131 34.41 12.83 12.26
N SER C 132 34.93 11.63 12.55
CA SER C 132 34.09 10.44 12.71
C SER C 132 33.61 10.32 14.14
N SER C 133 32.72 11.23 14.54
CA SER C 133 32.19 11.25 15.90
C SER C 133 30.77 10.70 16.01
N GLY C 134 30.36 9.89 15.04
CA GLY C 134 29.02 9.34 15.10
C GLY C 134 28.93 8.10 15.96
N THR C 135 27.72 7.79 16.43
CA THR C 135 27.50 6.62 17.26
C THR C 135 26.37 5.73 16.74
N ALA C 136 25.46 6.28 15.95
CA ALA C 136 24.34 5.49 15.42
C ALA C 136 24.80 4.47 14.36
N ALA C 137 23.88 3.64 13.90
CA ALA C 137 24.21 2.65 12.88
C ALA C 137 24.47 3.41 11.59
N ILE C 138 25.18 2.78 10.66
CA ILE C 138 25.47 3.44 9.39
C ILE C 138 24.18 3.58 8.58
N GLY C 139 23.37 2.54 8.52
CA GLY C 139 22.13 2.63 7.79
C GLY C 139 20.98 2.90 8.75
N GLU C 140 21.14 3.94 9.57
CA GLU C 140 20.14 4.33 10.56
C GLU C 140 18.88 4.86 9.87
N VAL C 141 17.73 4.33 10.27
CA VAL C 141 16.46 4.75 9.66
C VAL C 141 15.43 5.21 10.71
N VAL C 142 14.74 6.30 10.39
CA VAL C 142 13.72 6.88 11.27
C VAL C 142 12.43 7.19 10.50
N ALA C 143 11.29 6.88 11.14
CA ALA C 143 9.98 7.08 10.54
C ALA C 143 9.06 8.06 11.26
N ASP C 144 9.58 8.75 12.27
CA ASP C 144 8.79 9.73 13.01
C ASP C 144 9.32 11.12 12.75
N ALA C 145 8.42 12.08 12.58
CA ALA C 145 8.82 13.46 12.31
C ALA C 145 9.87 14.01 13.27
N ASP C 146 9.63 13.87 14.57
CA ASP C 146 10.55 14.38 15.56
C ASP C 146 11.93 13.73 15.51
N ALA C 147 11.98 12.49 15.04
CA ALA C 147 13.22 11.74 14.97
C ALA C 147 14.15 12.08 13.81
N ALA C 148 13.62 12.70 12.75
CA ALA C 148 14.44 13.07 11.60
C ALA C 148 15.44 14.13 12.05
N LYS C 149 16.57 14.24 11.36
CA LYS C 149 17.57 15.23 11.72
C LYS C 149 18.44 15.71 10.57
N VAL C 150 19.10 16.84 10.82
CA VAL C 150 20.04 17.42 9.89
C VAL C 150 21.34 16.77 10.32
N ALA C 151 22.15 16.31 9.37
CA ALA C 151 23.41 15.67 9.75
C ALA C 151 24.40 16.71 10.28
N ASP C 152 25.20 16.32 11.26
CA ASP C 152 26.18 17.22 11.85
C ASP C 152 27.13 17.69 10.74
N LYS C 153 27.05 18.98 10.42
CA LYS C 153 27.89 19.55 9.37
C LYS C 153 29.39 19.39 9.62
N ALA C 154 29.82 19.53 10.87
CA ALA C 154 31.24 19.40 11.20
C ALA C 154 31.75 17.98 11.01
N SER C 155 30.84 17.02 11.03
CA SER C 155 31.20 15.62 10.85
C SER C 155 31.17 15.21 9.38
N VAL C 156 30.28 15.81 8.59
CA VAL C 156 30.17 15.49 7.17
C VAL C 156 31.31 16.14 6.39
N LYS C 157 31.55 17.40 6.68
CA LYS C 157 32.61 18.15 6.01
C LYS C 157 33.98 17.68 6.48
N GLY C 158 34.08 17.29 7.74
CA GLY C 158 35.36 16.84 8.27
C GLY C 158 35.77 15.52 7.66
N ILE C 159 34.78 14.67 7.42
CA ILE C 159 35.01 13.36 6.82
C ILE C 159 35.35 13.55 5.35
N ALA C 160 34.55 14.35 4.65
CA ALA C 160 34.76 14.61 3.25
C ALA C 160 36.13 15.23 2.99
N LYS C 161 36.47 16.28 3.73
CA LYS C 161 37.76 16.94 3.56
C LYS C 161 38.89 16.04 4.02
N GLY C 162 38.73 15.39 5.17
CA GLY C 162 39.77 14.50 5.65
C GLY C 162 40.13 13.52 4.54
N ILE C 163 39.11 12.92 3.95
CA ILE C 163 39.29 11.96 2.87
C ILE C 163 39.97 12.61 1.67
N LYS C 164 39.68 13.88 1.40
CA LYS C 164 40.32 14.55 0.28
C LYS C 164 41.81 14.69 0.59
N GLU C 165 42.15 14.75 1.89
CA GLU C 165 43.54 14.87 2.30
C GLU C 165 44.26 13.54 2.20
N ILE C 166 43.56 12.46 2.54
CA ILE C 166 44.14 11.13 2.44
C ILE C 166 44.54 10.89 0.98
N VAL C 167 43.58 10.99 0.08
CA VAL C 167 43.87 10.79 -1.34
C VAL C 167 45.00 11.71 -1.80
N GLU C 168 44.99 12.96 -1.33
CA GLU C 168 46.02 13.94 -1.69
C GLU C 168 47.40 13.44 -1.25
N ALA C 169 47.51 13.10 0.03
CA ALA C 169 48.76 12.61 0.61
C ALA C 169 49.22 11.36 -0.12
N ALA C 170 48.33 10.36 -0.24
CA ALA C 170 48.67 9.12 -0.94
C ALA C 170 49.10 9.44 -2.37
N GLY C 171 48.94 10.70 -2.76
CA GLY C 171 49.32 11.12 -4.09
C GLY C 171 48.42 10.62 -5.19
N GLY C 172 47.16 10.33 -4.86
CA GLY C 172 46.23 9.84 -5.85
C GLY C 172 45.18 10.84 -6.32
N SER C 173 45.31 12.08 -5.86
CA SER C 173 44.37 13.14 -6.22
C SER C 173 43.95 13.15 -7.70
N GLU C 174 44.93 13.16 -8.60
CA GLU C 174 44.64 13.18 -10.03
C GLU C 174 44.17 11.82 -10.53
N LYS C 175 44.64 10.75 -9.91
CA LYS C 175 44.25 9.40 -10.31
C LYS C 175 42.74 9.21 -10.14
N LEU C 176 42.17 9.84 -9.12
CA LEU C 176 40.72 9.73 -8.85
C LEU C 176 39.83 10.58 -9.74
N LYS C 177 40.18 11.85 -9.91
CA LYS C 177 39.41 12.76 -10.75
C LYS C 177 39.40 12.29 -12.19
N ALA C 178 40.33 11.40 -12.52
CA ALA C 178 40.45 10.86 -13.87
C ALA C 178 39.45 9.71 -14.07
N VAL C 179 38.91 9.18 -12.98
CA VAL C 179 37.94 8.09 -13.07
C VAL C 179 36.67 8.58 -13.76
N ALA C 180 36.18 7.80 -14.71
CA ALA C 180 34.98 8.12 -15.46
C ALA C 180 33.78 8.38 -14.54
N ALA C 181 33.10 9.50 -14.77
CA ALA C 181 31.93 9.86 -13.97
C ALA C 181 30.75 8.97 -14.32
N ALA C 182 29.92 8.70 -13.33
CA ALA C 182 28.74 7.87 -13.52
C ALA C 182 27.76 8.60 -14.43
N LYS C 183 27.17 7.87 -15.38
CA LYS C 183 26.20 8.48 -16.29
C LYS C 183 24.78 8.28 -15.77
N GLY C 184 24.58 7.23 -14.99
CA GLY C 184 23.27 6.94 -14.43
C GLY C 184 22.61 8.11 -13.73
N GLU C 185 21.32 8.31 -14.01
CA GLU C 185 20.57 9.41 -13.40
C GLU C 185 19.13 9.05 -13.04
N ASN C 186 18.76 7.78 -13.21
CA ASN C 186 17.42 7.33 -12.90
C ASN C 186 17.23 6.92 -11.45
N ASN C 187 18.11 7.40 -10.58
CA ASN C 187 18.01 7.07 -9.15
C ASN C 187 17.81 8.29 -8.26
N LYS C 188 17.47 9.42 -8.88
CA LYS C 188 17.24 10.66 -8.15
C LYS C 188 16.19 10.54 -7.03
N GLY C 189 15.41 9.46 -7.05
CA GLY C 189 14.40 9.26 -6.03
C GLY C 189 14.99 8.96 -4.66
N ALA C 190 16.28 8.71 -4.64
CA ALA C 190 16.99 8.41 -3.40
C ALA C 190 16.91 9.61 -2.46
N GLY C 191 16.82 10.81 -3.04
CA GLY C 191 16.74 12.02 -2.24
C GLY C 191 15.62 12.07 -1.23
N LYS C 192 14.58 11.26 -1.44
CA LYS C 192 13.45 11.24 -0.51
C LYS C 192 13.86 10.77 0.90
N LEU C 193 15.02 10.13 0.98
CA LEU C 193 15.55 9.62 2.24
C LEU C 193 16.28 10.68 3.06
N PHE C 194 16.58 11.82 2.45
CA PHE C 194 17.33 12.87 3.13
C PHE C 194 16.47 14.03 3.65
N GLY C 195 15.15 13.87 3.60
CA GLY C 195 14.26 14.92 4.05
C GLY C 195 13.56 14.65 5.37
N LYS C 196 12.25 14.94 5.42
CA LYS C 196 11.50 14.73 6.65
C LYS C 196 11.09 13.28 6.83
N ALA C 197 10.78 12.93 8.07
CA ALA C 197 10.33 11.59 8.41
C ALA C 197 8.92 11.81 8.93
N GLY C 198 8.10 10.77 8.94
CA GLY C 198 6.74 10.95 9.42
C GLY C 198 5.71 11.13 8.33
N ALA C 199 4.49 11.46 8.74
CA ALA C 199 3.37 11.65 7.84
C ALA C 199 3.66 12.57 6.66
N ALA C 200 4.50 13.58 6.88
CA ALA C 200 4.83 14.54 5.84
C ALA C 200 6.03 14.11 4.98
N ALA C 201 6.54 12.91 5.22
CA ALA C 201 7.69 12.40 4.49
C ALA C 201 7.38 11.77 3.12
N HIS C 202 8.43 11.57 2.33
CA HIS C 202 8.29 10.97 1.01
C HIS C 202 9.05 9.65 0.93
N GLY C 203 10.03 9.48 1.82
CA GLY C 203 10.83 8.26 1.82
C GLY C 203 10.06 6.97 1.91
N ASP C 204 10.30 6.07 0.96
CA ASP C 204 9.61 4.79 0.95
C ASP C 204 10.42 3.64 0.34
N SER C 205 9.73 2.53 0.12
CA SER C 205 10.32 1.32 -0.42
C SER C 205 11.06 1.58 -1.74
N GLU C 206 10.42 2.34 -2.63
CA GLU C 206 11.01 2.67 -3.92
C GLU C 206 12.24 3.56 -3.79
N ALA C 207 12.15 4.59 -2.96
CA ALA C 207 13.28 5.48 -2.79
C ALA C 207 14.48 4.71 -2.26
N ALA C 208 14.25 3.80 -1.32
CA ALA C 208 15.33 2.99 -0.74
C ALA C 208 15.97 2.11 -1.81
N SER C 209 15.16 1.60 -2.73
CA SER C 209 15.68 0.75 -3.80
C SER C 209 16.54 1.56 -4.77
N LYS C 210 16.14 2.79 -5.04
CA LYS C 210 16.88 3.68 -5.93
C LYS C 210 18.26 3.94 -5.32
N ALA C 211 18.28 4.20 -4.01
CA ALA C 211 19.52 4.45 -3.29
C ALA C 211 20.47 3.27 -3.46
N ALA C 212 19.93 2.07 -3.32
CA ALA C 212 20.73 0.86 -3.46
C ALA C 212 21.20 0.73 -4.90
N GLY C 213 20.34 1.15 -5.83
CA GLY C 213 20.68 1.08 -7.24
C GLY C 213 21.85 1.98 -7.59
N ALA C 214 21.77 3.24 -7.16
CA ALA C 214 22.83 4.19 -7.43
C ALA C 214 24.16 3.68 -6.90
N VAL C 215 24.14 3.06 -5.71
CA VAL C 215 25.36 2.54 -5.10
C VAL C 215 25.93 1.33 -5.84
N SER C 216 25.05 0.47 -6.34
CA SER C 216 25.49 -0.72 -7.05
C SER C 216 25.95 -0.43 -8.48
N ALA C 217 25.57 0.73 -8.98
CA ALA C 217 25.91 1.13 -10.34
C ALA C 217 27.25 1.88 -10.38
N VAL C 218 27.85 2.03 -9.21
CA VAL C 218 29.11 2.76 -9.11
C VAL C 218 30.20 1.92 -8.47
N SER C 219 31.45 2.27 -8.74
CA SER C 219 32.58 1.56 -8.18
C SER C 219 33.01 2.28 -6.90
N GLY C 220 33.99 1.71 -6.20
CA GLY C 220 34.49 2.33 -4.99
C GLY C 220 35.28 3.56 -5.36
N GLU C 221 35.98 3.50 -6.49
CA GLU C 221 36.78 4.63 -6.96
C GLU C 221 35.88 5.81 -7.31
N GLN C 222 34.75 5.54 -7.95
CA GLN C 222 33.82 6.60 -8.33
C GLN C 222 33.18 7.33 -7.15
N ILE C 223 32.85 6.61 -6.07
CA ILE C 223 32.26 7.25 -4.91
C ILE C 223 33.34 8.10 -4.27
N LEU C 224 34.56 7.56 -4.26
CA LEU C 224 35.68 8.28 -3.67
C LEU C 224 35.94 9.56 -4.47
N SER C 225 35.94 9.43 -5.78
CA SER C 225 36.18 10.56 -6.65
C SER C 225 35.11 11.63 -6.42
N ALA C 226 33.85 11.21 -6.31
CA ALA C 226 32.75 12.15 -6.07
C ALA C 226 32.93 12.90 -4.75
N ILE C 227 33.37 12.20 -3.71
CA ILE C 227 33.57 12.79 -2.38
C ILE C 227 34.74 13.79 -2.36
N VAL C 228 35.85 13.43 -2.99
CA VAL C 228 37.03 14.31 -3.03
C VAL C 228 36.76 15.57 -3.86
N THR C 229 35.85 15.47 -4.82
CA THR C 229 35.50 16.61 -5.65
C THR C 229 34.53 17.52 -4.90
N ALA C 230 33.75 16.91 -4.01
CA ALA C 230 32.77 17.67 -3.24
C ALA C 230 33.48 18.47 -2.16
N ALA C 231 34.55 17.90 -1.63
CA ALA C 231 35.32 18.55 -0.58
C ALA C 231 35.74 19.97 -0.93
N ASP C 232 35.90 20.22 -2.23
CA ASP C 232 36.30 21.54 -2.69
C ASP C 232 35.15 22.35 -3.29
N ALA C 233 34.21 21.67 -3.92
CA ALA C 233 33.06 22.32 -4.55
C ALA C 233 32.35 23.38 -3.70
N ALA C 234 31.63 24.27 -4.38
CA ALA C 234 30.91 25.35 -3.74
C ALA C 234 29.56 24.90 -3.19
N GLU C 235 28.95 25.75 -2.37
CA GLU C 235 27.65 25.47 -1.74
C GLU C 235 27.61 24.18 -0.94
N GLN C 236 28.41 24.11 0.13
CA GLN C 236 28.47 22.91 0.95
C GLN C 236 27.53 22.91 2.16
N ASP C 237 26.84 24.02 2.38
CA ASP C 237 25.94 24.08 3.51
C ASP C 237 24.67 23.27 3.21
N GLY C 238 24.16 22.60 4.23
CA GLY C 238 22.97 21.77 4.08
C GLY C 238 21.85 22.34 3.23
N LYS C 239 21.42 21.56 2.25
CA LYS C 239 20.34 21.95 1.36
C LYS C 239 19.34 20.81 1.26
N LYS C 240 18.08 21.16 1.04
CA LYS C 240 17.05 20.15 0.91
C LYS C 240 17.29 19.43 -0.41
N PRO C 241 16.88 18.15 -0.50
CA PRO C 241 17.05 17.31 -1.69
C PRO C 241 16.79 18.01 -3.02
N GLU C 242 15.81 18.92 -3.03
CA GLU C 242 15.45 19.64 -4.25
C GLU C 242 16.43 20.70 -4.66
N GLU C 243 17.26 21.15 -3.73
CA GLU C 243 18.21 22.22 -4.04
C GLU C 243 19.69 21.84 -3.98
N ALA C 244 20.03 20.78 -3.25
CA ALA C 244 21.43 20.36 -3.12
C ALA C 244 22.17 20.31 -4.46
N LYS C 245 23.37 20.87 -4.48
CA LYS C 245 24.17 20.86 -5.68
C LYS C 245 25.42 20.01 -5.53
N ASN C 246 25.59 19.40 -4.35
CA ASN C 246 26.76 18.57 -4.10
C ASN C 246 26.52 17.59 -2.96
N PRO C 247 27.20 16.43 -2.99
CA PRO C 247 27.08 15.37 -1.98
C PRO C 247 27.14 15.83 -0.51
N ILE C 248 27.92 16.86 -0.24
CA ILE C 248 28.06 17.36 1.12
C ILE C 248 26.80 18.11 1.56
N ALA C 249 26.27 18.93 0.67
CA ALA C 249 25.06 19.70 0.97
C ALA C 249 23.91 18.74 1.17
N ALA C 250 23.85 17.72 0.32
CA ALA C 250 22.79 16.72 0.38
C ALA C 250 22.89 15.87 1.63
N ALA C 251 24.11 15.49 1.99
CA ALA C 251 24.30 14.64 3.18
C ALA C 251 23.85 15.37 4.44
N ILE C 252 24.22 16.64 4.56
CA ILE C 252 23.83 17.42 5.72
C ILE C 252 22.32 17.65 5.67
N GLY C 253 21.84 18.13 4.52
CA GLY C 253 20.43 18.39 4.34
C GLY C 253 19.89 19.40 5.35
N ASP C 254 18.58 19.49 5.44
CA ASP C 254 17.94 20.40 6.38
C ASP C 254 16.57 19.81 6.69
N LYS C 255 16.15 19.93 7.94
CA LYS C 255 14.87 19.39 8.39
C LYS C 255 13.71 19.51 7.40
N ASP C 256 13.63 20.64 6.70
CA ASP C 256 12.54 20.90 5.75
C ASP C 256 12.36 19.78 4.70
N GLY C 257 13.39 18.97 4.51
CA GLY C 257 13.32 17.87 3.57
C GLY C 257 12.64 18.08 2.24
N GLY C 258 12.22 16.98 1.61
CA GLY C 258 11.57 17.05 0.32
C GLY C 258 11.66 15.75 -0.47
N ALA C 259 11.36 15.81 -1.77
CA ALA C 259 11.37 14.63 -2.63
C ALA C 259 12.71 14.34 -3.30
N GLU C 260 12.63 13.89 -4.55
CA GLU C 260 13.81 13.52 -5.34
C GLU C 260 14.87 14.61 -5.37
N PHE C 261 16.10 14.22 -5.69
CA PHE C 261 17.19 15.18 -5.79
C PHE C 261 16.85 16.00 -7.04
N GLY C 262 16.67 17.30 -6.85
CA GLY C 262 16.27 18.17 -7.95
C GLY C 262 17.31 18.78 -8.87
N GLN C 263 18.55 18.92 -8.41
CA GLN C 263 19.58 19.51 -9.26
C GLN C 263 20.32 18.46 -10.08
N ASP C 264 20.77 18.88 -11.26
CA ASP C 264 21.49 18.00 -12.18
C ASP C 264 22.77 17.49 -11.56
N GLU C 265 23.35 18.28 -10.66
CA GLU C 265 24.59 17.91 -10.00
C GLU C 265 24.39 16.71 -9.09
N MSE C 266 23.17 16.53 -8.60
CA MSE C 266 22.87 15.42 -7.69
C MSE C 266 22.03 14.32 -8.31
O MSE C 266 21.49 13.49 -7.59
CB MSE C 266 22.15 15.94 -6.45
CG MSE C 266 23.04 16.64 -5.45
SE MSE C 266 24.42 15.47 -4.74
CE MSE C 266 25.77 15.86 -6.04
N LYS C 267 21.93 14.30 -9.63
CA LYS C 267 21.12 13.26 -10.26
C LYS C 267 21.93 12.05 -10.68
N LYS C 268 23.26 12.15 -10.60
CA LYS C 268 24.14 11.05 -10.98
C LYS C 268 24.37 10.04 -9.86
N ASP C 269 24.46 8.77 -10.25
CA ASP C 269 24.65 7.68 -9.30
C ASP C 269 25.82 7.85 -8.32
N ASP C 270 26.97 8.35 -8.80
CA ASP C 270 28.11 8.52 -7.91
C ASP C 270 27.92 9.68 -6.94
N GLN C 271 27.20 10.71 -7.36
CA GLN C 271 26.93 11.86 -6.50
C GLN C 271 25.98 11.41 -5.38
N ILE C 272 24.98 10.62 -5.76
CA ILE C 272 24.00 10.09 -4.81
C ILE C 272 24.70 9.13 -3.84
N ALA C 273 25.54 8.25 -4.39
CA ALA C 273 26.30 7.30 -3.59
C ALA C 273 27.20 8.07 -2.62
N ALA C 274 27.80 9.14 -3.13
CA ALA C 274 28.64 9.97 -2.29
C ALA C 274 27.79 10.52 -1.13
N ALA C 275 26.60 11.03 -1.47
CA ALA C 275 25.71 11.59 -0.45
C ALA C 275 25.33 10.54 0.59
N ILE C 276 25.01 9.34 0.12
CA ILE C 276 24.64 8.24 1.02
C ILE C 276 25.80 7.86 1.93
N ALA C 277 26.97 7.69 1.33
CA ALA C 277 28.16 7.32 2.08
C ALA C 277 28.48 8.29 3.22
N LEU C 278 28.46 9.59 2.93
CA LEU C 278 28.74 10.60 3.96
C LEU C 278 27.68 10.63 5.05
N ARG C 279 26.41 10.58 4.64
CA ARG C 279 25.34 10.60 5.62
C ARG C 279 25.47 9.39 6.54
N GLY C 280 25.78 8.24 5.96
CA GLY C 280 25.95 7.02 6.71
C GLY C 280 27.13 7.06 7.66
N MSE C 281 28.20 7.72 7.25
CA MSE C 281 29.39 7.83 8.09
C MSE C 281 29.29 8.96 9.11
O MSE C 281 29.77 8.84 10.25
CB MSE C 281 30.64 8.08 7.24
CG MSE C 281 31.00 6.98 6.27
SE MSE C 281 32.68 7.37 5.34
CE MSE C 281 31.97 8.53 3.98
N ALA C 282 28.67 10.06 8.72
CA ALA C 282 28.54 11.25 9.56
C ALA C 282 27.70 11.15 10.81
N LYS C 283 28.06 11.97 11.79
CA LYS C 283 27.35 12.05 13.07
C LYS C 283 25.96 12.58 12.78
N ASP C 284 24.96 12.03 13.46
CA ASP C 284 23.57 12.44 13.30
C ASP C 284 23.02 12.19 11.90
N GLY C 285 23.72 11.37 11.12
CA GLY C 285 23.26 11.06 9.78
C GLY C 285 22.24 9.94 9.85
N LYS C 286 21.00 10.25 9.48
CA LYS C 286 19.90 9.30 9.53
C LYS C 286 19.08 9.38 8.25
N PHE C 287 18.59 8.24 7.81
CA PHE C 287 17.78 8.17 6.60
C PHE C 287 16.32 8.15 7.01
N ALA C 288 15.50 8.92 6.32
CA ALA C 288 14.09 9.05 6.66
C ALA C 288 13.07 8.51 5.64
N VAL C 289 12.00 7.91 6.18
CA VAL C 289 10.91 7.37 5.39
C VAL C 289 9.59 7.78 6.05
N LYS C 290 8.48 7.59 5.35
CA LYS C 290 7.19 7.97 5.91
C LYS C 290 6.75 6.94 6.93
N ASP C 291 5.66 7.24 7.64
CA ASP C 291 5.13 6.35 8.66
C ASP C 291 4.69 5.02 8.04
N GLY C 292 5.06 3.91 8.68
CA GLY C 292 4.69 2.60 8.18
C GLY C 292 5.62 2.00 7.15
N GLU C 293 6.63 2.74 6.73
CA GLU C 293 7.56 2.23 5.73
C GLU C 293 8.88 1.70 6.30
N LYS C 294 9.10 1.87 7.60
CA LYS C 294 10.35 1.41 8.19
C LYS C 294 10.67 -0.08 7.93
N GLU C 295 9.73 -0.96 8.26
CA GLU C 295 9.95 -2.39 8.07
C GLU C 295 10.13 -2.71 6.59
N LYS C 296 9.51 -1.91 5.73
CA LYS C 296 9.57 -2.14 4.29
C LYS C 296 10.72 -1.50 3.52
N ALA C 297 11.39 -0.51 4.11
CA ALA C 297 12.48 0.17 3.41
C ALA C 297 13.83 0.05 4.11
N GLU C 298 13.79 -0.20 5.41
CA GLU C 298 14.98 -0.32 6.23
C GLU C 298 16.07 -1.24 5.66
N GLY C 299 15.65 -2.40 5.14
CA GLY C 299 16.59 -3.35 4.57
C GLY C 299 17.42 -2.79 3.43
N ALA C 300 16.74 -2.19 2.45
CA ALA C 300 17.42 -1.60 1.30
C ALA C 300 18.31 -0.43 1.72
N ILE C 301 17.81 0.41 2.61
CA ILE C 301 18.58 1.57 3.07
C ILE C 301 19.90 1.15 3.69
N LYS C 302 19.86 0.19 4.62
CA LYS C 302 21.06 -0.28 5.29
C LYS C 302 22.08 -0.78 4.27
N GLY C 303 21.61 -1.63 3.36
CA GLY C 303 22.49 -2.16 2.33
C GLY C 303 23.09 -1.06 1.50
N ALA C 304 22.28 -0.10 1.06
CA ALA C 304 22.79 1.01 0.25
C ALA C 304 23.85 1.79 1.02
N ALA C 305 23.56 2.14 2.28
CA ALA C 305 24.51 2.90 3.09
C ALA C 305 25.76 2.10 3.45
N GLU C 306 25.58 0.85 3.85
CA GLU C 306 26.71 0.02 4.22
C GLU C 306 27.60 -0.26 3.01
N SER C 307 27.00 -0.64 1.89
CA SER C 307 27.79 -0.89 0.70
C SER C 307 28.53 0.38 0.27
N ALA C 308 27.85 1.52 0.32
CA ALA C 308 28.47 2.78 -0.07
C ALA C 308 29.69 3.06 0.80
N VAL C 309 29.57 2.80 2.09
CA VAL C 309 30.66 3.03 3.04
C VAL C 309 31.81 2.04 2.84
N ARG C 310 31.48 0.77 2.66
CA ARG C 310 32.53 -0.24 2.46
C ARG C 310 33.32 0.03 1.18
N LYS C 311 32.64 0.48 0.13
CA LYS C 311 33.28 0.78 -1.15
C LYS C 311 34.29 1.93 -1.06
N VAL C 312 33.92 3.00 -0.35
CA VAL C 312 34.80 4.15 -0.18
C VAL C 312 36.00 3.86 0.72
N LEU C 313 35.77 3.21 1.86
CA LEU C 313 36.86 2.90 2.77
C LEU C 313 37.74 1.80 2.19
N GLY C 314 37.17 0.98 1.32
CA GLY C 314 37.94 -0.07 0.70
C GLY C 314 38.87 0.54 -0.35
N ALA C 315 38.36 1.54 -1.05
CA ALA C 315 39.15 2.22 -2.08
C ALA C 315 40.28 3.02 -1.44
N ILE C 316 40.01 3.58 -0.26
CA ILE C 316 41.00 4.35 0.49
C ILE C 316 42.10 3.41 0.98
N THR C 317 41.68 2.24 1.46
CA THR C 317 42.63 1.23 1.94
C THR C 317 43.55 0.81 0.81
N GLY C 318 43.00 0.64 -0.38
CA GLY C 318 43.79 0.23 -1.51
C GLY C 318 44.81 1.29 -1.90
N LEU C 319 44.39 2.54 -1.78
CA LEU C 319 45.26 3.66 -2.14
C LEU C 319 46.38 3.82 -1.12
N ILE C 320 46.02 3.83 0.16
CA ILE C 320 47.02 3.96 1.23
C ILE C 320 47.99 2.79 1.13
N GLY C 321 47.44 1.61 0.90
CA GLY C 321 48.26 0.42 0.77
C GLY C 321 49.29 0.58 -0.33
N ASP C 322 48.84 0.92 -1.53
CA ASP C 322 49.77 1.09 -2.63
C ASP C 322 50.87 2.09 -2.29
N ALA C 323 50.47 3.30 -1.91
CA ALA C 323 51.40 4.35 -1.57
C ALA C 323 52.51 3.96 -0.60
N VAL C 324 52.14 3.38 0.54
CA VAL C 324 53.17 3.01 1.51
C VAL C 324 54.01 1.84 1.02
N SER C 325 53.38 0.88 0.35
CA SER C 325 54.11 -0.27 -0.17
C SER C 325 55.19 0.21 -1.12
N SER C 326 54.86 1.22 -1.91
CA SER C 326 55.79 1.79 -2.87
C SER C 326 56.88 2.58 -2.15
N GLY C 327 56.48 3.24 -1.07
CA GLY C 327 57.45 4.03 -0.30
C GLY C 327 58.44 3.10 0.37
N LEU C 328 57.92 2.00 0.92
CA LEU C 328 58.75 1.02 1.61
C LEU C 328 59.62 0.22 0.65
N ARG C 329 59.16 0.04 -0.57
CA ARG C 329 59.94 -0.74 -1.52
C ARG C 329 61.21 0.03 -1.90
N LYS C 330 61.06 1.31 -2.23
CA LYS C 330 62.22 2.11 -2.63
C LYS C 330 63.19 2.34 -1.48
N VAL C 331 62.74 2.08 -0.25
CA VAL C 331 63.61 2.24 0.90
C VAL C 331 64.32 0.93 1.13
N GLY C 332 63.53 -0.15 1.13
CA GLY C 332 64.09 -1.47 1.33
C GLY C 332 65.15 -1.75 0.29
N ASP C 333 64.94 -1.24 -0.92
CA ASP C 333 65.90 -1.45 -1.99
C ASP C 333 67.20 -0.70 -1.73
N SER C 334 67.10 0.59 -1.40
CA SER C 334 68.28 1.40 -1.11
C SER C 334 69.16 0.69 -0.10
N VAL C 335 68.58 0.37 1.05
CA VAL C 335 69.30 -0.32 2.11
C VAL C 335 69.97 -1.58 1.57
N LYS C 336 69.27 -2.27 0.68
CA LYS C 336 69.77 -3.52 0.11
C LYS C 336 70.95 -3.30 -0.83
N ALA C 337 70.90 -2.22 -1.61
CA ALA C 337 71.96 -1.91 -2.55
C ALA C 337 73.31 -1.80 -1.83
N ALA C 338 73.26 -1.68 -0.50
CA ALA C 338 74.46 -1.56 0.32
C ALA C 338 75.44 -2.73 0.13
N SER C 339 74.92 -3.95 0.20
CA SER C 339 75.73 -5.16 0.05
C SER C 339 76.75 -5.03 -1.08
N LYS D 24 -79.80 6.04 8.41
CA LYS D 24 -79.05 6.24 7.13
C LYS D 24 -77.65 6.76 7.37
N PHE D 25 -76.65 6.00 6.95
CA PHE D 25 -75.27 6.40 7.15
C PHE D 25 -74.51 6.64 5.85
N TYR D 26 -73.21 6.37 5.88
CA TYR D 26 -72.33 6.56 4.73
C TYR D 26 -70.95 6.12 5.22
N GLN D 27 -70.84 5.99 6.54
CA GLN D 27 -69.61 5.62 7.24
C GLN D 27 -68.92 4.31 6.88
N SER D 28 -69.62 3.37 6.27
CA SER D 28 -68.98 2.11 5.91
C SER D 28 -67.87 2.36 4.90
N VAL D 29 -67.75 3.62 4.49
CA VAL D 29 -66.73 4.02 3.53
C VAL D 29 -65.78 5.04 4.14
N ILE D 30 -66.31 5.89 5.00
CA ILE D 30 -65.51 6.91 5.65
C ILE D 30 -64.47 6.27 6.56
N GLN D 31 -64.93 5.54 7.57
CA GLN D 31 -64.00 4.88 8.49
C GLN D 31 -63.52 3.54 7.94
N LEU D 32 -63.44 3.47 6.61
CA LEU D 32 -62.97 2.28 5.93
C LEU D 32 -61.75 2.72 5.14
N GLY D 33 -61.92 3.78 4.36
CA GLY D 33 -60.81 4.31 3.58
C GLY D 33 -59.88 5.00 4.54
N ASN D 34 -60.46 5.59 5.58
CA ASN D 34 -59.70 6.28 6.61
C ASN D 34 -58.78 5.25 7.27
N GLY D 35 -59.29 4.02 7.38
CA GLY D 35 -58.52 2.95 7.98
C GLY D 35 -57.43 2.50 7.02
N PHE D 36 -57.74 2.49 5.73
CA PHE D 36 -56.80 2.11 4.69
C PHE D 36 -55.65 3.10 4.71
N LEU D 37 -56.00 4.37 4.91
CA LEU D 37 -55.03 5.45 4.98
C LEU D 37 -53.91 5.06 5.93
N ASP D 38 -54.30 4.45 7.04
CA ASP D 38 -53.34 4.03 8.06
C ASP D 38 -52.54 2.81 7.60
N VAL D 39 -53.22 1.81 7.06
CA VAL D 39 -52.54 0.62 6.57
C VAL D 39 -51.50 1.01 5.52
N PHE D 40 -51.68 2.19 4.93
CA PHE D 40 -50.74 2.68 3.92
C PHE D 40 -49.71 3.56 4.60
N THR D 41 -50.13 4.31 5.60
CA THR D 41 -49.22 5.18 6.32
C THR D 41 -48.13 4.29 6.93
N SER D 42 -48.57 3.17 7.49
CA SER D 42 -47.66 2.21 8.11
C SER D 42 -46.81 1.52 7.06
N PHE D 43 -46.72 2.14 5.88
CA PHE D 43 -45.92 1.61 4.79
C PHE D 43 -44.80 2.61 4.51
N GLY D 44 -44.69 3.59 5.40
CA GLY D 44 -43.66 4.61 5.27
C GLY D 44 -42.39 4.18 5.98
N GLY D 45 -42.44 3.03 6.63
CA GLY D 45 -41.28 2.52 7.33
C GLY D 45 -40.17 2.21 6.34
N LEU D 46 -40.57 1.99 5.10
CA LEU D 46 -39.61 1.68 4.04
C LEU D 46 -39.06 2.96 3.43
N VAL D 47 -39.75 4.08 3.66
CA VAL D 47 -39.34 5.38 3.15
C VAL D 47 -37.97 5.77 3.67
N ALA D 48 -37.91 6.22 4.93
CA ALA D 48 -36.64 6.62 5.52
C ALA D 48 -35.75 5.41 5.78
N GLU D 49 -34.81 5.17 4.88
CA GLU D 49 -33.91 4.04 5.03
C GLU D 49 -32.81 4.42 6.00
N ALA D 50 -32.55 3.54 6.96
CA ALA D 50 -31.54 3.79 7.97
C ALA D 50 -30.23 3.04 7.78
N PHE D 51 -29.17 3.61 8.33
CA PHE D 51 -27.84 3.01 8.31
C PHE D 51 -27.81 2.31 9.65
N GLY D 52 -28.72 2.74 10.52
CA GLY D 52 -28.82 2.20 11.86
C GLY D 52 -27.76 2.87 12.71
N PHE D 53 -26.59 3.05 12.11
CA PHE D 53 -25.40 3.64 12.71
C PHE D 53 -24.31 2.60 12.62
N LYS D 54 -24.72 1.34 12.69
CA LYS D 54 -23.84 0.18 12.62
C LYS D 54 -22.38 0.52 12.35
N SER D 55 -22.04 0.81 11.10
CA SER D 55 -20.68 1.16 10.75
C SER D 55 -19.80 -0.02 11.13
N ASP D 56 -20.44 -1.19 11.21
CA ASP D 56 -19.80 -2.43 11.57
C ASP D 56 -20.80 -3.53 11.21
N PRO D 57 -21.36 -3.47 9.98
CA PRO D 57 -22.34 -4.45 9.49
C PRO D 57 -22.00 -5.88 9.85
N LYS D 58 -22.99 -6.75 9.76
CA LYS D 58 -22.79 -8.15 10.07
C LYS D 58 -23.61 -9.01 9.11
N LYS D 59 -23.04 -10.13 8.70
CA LYS D 59 -23.72 -11.04 7.78
C LYS D 59 -24.98 -11.57 8.46
N SER D 60 -25.09 -11.30 9.75
CA SER D 60 -26.25 -11.72 10.55
C SER D 60 -27.35 -10.68 10.32
N ASP D 61 -26.93 -9.45 10.02
CA ASP D 61 -27.87 -8.36 9.77
C ASP D 61 -28.54 -8.59 8.43
N VAL D 62 -27.80 -9.18 7.50
CA VAL D 62 -28.35 -9.47 6.19
C VAL D 62 -29.60 -10.33 6.44
N LYS D 63 -29.47 -11.32 7.31
CA LYS D 63 -30.60 -12.18 7.66
C LYS D 63 -31.63 -11.35 8.41
N THR D 64 -31.14 -10.37 9.18
CA THR D 64 -32.01 -9.49 9.96
C THR D 64 -32.86 -8.67 9.00
N TYR D 65 -32.21 -8.10 8.00
CA TYR D 65 -32.89 -7.30 7.00
C TYR D 65 -34.10 -8.07 6.47
N PHE D 66 -33.86 -9.28 5.98
CA PHE D 66 -34.93 -10.12 5.44
C PHE D 66 -35.98 -10.45 6.49
N THR D 67 -35.55 -10.65 7.73
CA THR D 67 -36.47 -10.98 8.82
C THR D 67 -37.42 -9.81 9.10
N THR D 68 -36.87 -8.60 9.10
CA THR D 68 -37.66 -7.39 9.34
C THR D 68 -38.63 -7.17 8.17
N VAL D 69 -38.16 -7.46 6.96
CA VAL D 69 -38.98 -7.30 5.77
C VAL D 69 -40.14 -8.28 5.76
N ALA D 70 -39.83 -9.57 5.77
CA ALA D 70 -40.86 -10.60 5.77
C ALA D 70 -41.76 -10.41 6.99
N ALA D 71 -41.41 -9.44 7.83
CA ALA D 71 -42.17 -9.14 9.02
C ALA D 71 -43.25 -8.10 8.70
N LYS D 72 -42.82 -6.87 8.46
CA LYS D 72 -43.74 -5.78 8.14
C LYS D 72 -44.66 -6.13 6.97
N LEU D 73 -44.20 -7.01 6.09
CA LEU D 73 -45.00 -7.41 4.95
C LEU D 73 -46.24 -8.16 5.43
N GLU D 74 -46.03 -9.13 6.31
CA GLU D 74 -47.15 -9.91 6.85
C GLU D 74 -48.11 -8.98 7.60
N LYS D 75 -47.54 -8.03 8.34
CA LYS D 75 -48.34 -7.08 9.10
C LYS D 75 -49.41 -6.47 8.20
N THR D 76 -48.99 -5.53 7.36
CA THR D 76 -49.90 -4.86 6.43
C THR D 76 -50.83 -5.84 5.75
N LYS D 77 -50.38 -7.08 5.55
CA LYS D 77 -51.19 -8.11 4.90
C LYS D 77 -52.35 -8.52 5.79
N THR D 78 -52.04 -8.93 7.02
CA THR D 78 -53.06 -9.35 7.96
C THR D 78 -53.93 -8.15 8.33
N ASP D 79 -53.31 -6.97 8.39
CA ASP D 79 -54.01 -5.73 8.72
C ASP D 79 -54.94 -5.33 7.59
N LEU D 80 -54.48 -5.51 6.36
CA LEU D 80 -55.25 -5.16 5.18
C LEU D 80 -56.62 -5.85 5.21
N ASN D 81 -56.61 -7.13 5.56
CA ASN D 81 -57.85 -7.90 5.64
C ASN D 81 -58.62 -7.61 6.92
N SER D 82 -58.09 -6.66 7.71
CA SER D 82 -58.71 -6.27 8.96
C SER D 82 -59.38 -4.91 8.82
N THR D 105 -67.47 -6.18 -3.36
CA THR D 105 -66.53 -7.33 -3.59
C THR D 105 -65.31 -6.89 -4.41
N ALA D 106 -65.53 -5.98 -5.35
CA ALA D 106 -64.44 -5.49 -6.20
C ALA D 106 -63.29 -5.01 -5.34
N VAL D 107 -63.62 -4.45 -4.18
CA VAL D 107 -62.61 -3.95 -3.25
C VAL D 107 -61.97 -5.13 -2.53
N GLU D 108 -62.79 -6.15 -2.23
CA GLU D 108 -62.33 -7.34 -1.55
C GLU D 108 -61.58 -8.21 -2.57
N GLY D 109 -61.69 -7.83 -3.84
CA GLY D 109 -61.01 -8.54 -4.90
C GLY D 109 -59.67 -7.90 -5.17
N ALA D 110 -59.49 -6.70 -4.62
CA ALA D 110 -58.24 -5.96 -4.77
C ALA D 110 -57.35 -6.36 -3.60
N ILE D 111 -57.96 -6.58 -2.45
CA ILE D 111 -57.22 -6.98 -1.26
C ILE D 111 -56.67 -8.39 -1.47
N LYS D 112 -57.40 -9.22 -2.21
CA LYS D 112 -56.94 -10.57 -2.49
C LYS D 112 -55.80 -10.51 -3.50
N GLU D 113 -55.89 -9.55 -4.41
CA GLU D 113 -54.89 -9.33 -5.43
C GLU D 113 -53.56 -8.98 -4.77
N VAL D 114 -53.64 -8.17 -3.71
CA VAL D 114 -52.47 -7.74 -2.97
C VAL D 114 -51.98 -8.81 -2.02
N SER D 115 -52.90 -9.35 -1.20
CA SER D 115 -52.53 -10.41 -0.26
C SER D 115 -51.83 -11.53 -1.00
N GLU D 116 -52.26 -11.79 -2.23
CA GLU D 116 -51.64 -12.82 -3.05
C GLU D 116 -50.19 -12.45 -3.29
N LEU D 117 -49.93 -11.16 -3.45
CA LEU D 117 -48.58 -10.65 -3.68
C LEU D 117 -47.80 -10.68 -2.35
N LEU D 118 -48.46 -10.24 -1.28
CA LEU D 118 -47.84 -10.19 0.03
C LEU D 118 -47.56 -11.58 0.62
N ASP D 119 -47.80 -12.61 -0.17
CA ASP D 119 -47.54 -13.97 0.24
C ASP D 119 -46.42 -14.52 -0.62
N LYS D 120 -46.45 -14.15 -1.91
CA LYS D 120 -45.42 -14.60 -2.83
C LYS D 120 -44.12 -13.92 -2.42
N LEU D 121 -44.24 -12.72 -1.85
CA LEU D 121 -43.08 -11.95 -1.42
C LEU D 121 -42.47 -12.46 -0.11
N VAL D 122 -43.27 -12.49 0.95
CA VAL D 122 -42.77 -12.95 2.25
C VAL D 122 -42.13 -14.34 2.13
N LYS D 123 -42.84 -15.25 1.45
CA LYS D 123 -42.35 -16.60 1.26
C LYS D 123 -41.00 -16.56 0.52
N ALA D 124 -40.82 -15.53 -0.31
CA ALA D 124 -39.57 -15.36 -1.05
C ALA D 124 -38.51 -14.76 -0.15
N VAL D 125 -38.91 -13.80 0.69
CA VAL D 125 -37.96 -13.18 1.60
C VAL D 125 -37.44 -14.31 2.50
N LYS D 126 -38.35 -15.19 2.89
CA LYS D 126 -38.03 -16.33 3.73
C LYS D 126 -36.87 -17.14 3.15
N THR D 127 -36.93 -17.38 1.85
CA THR D 127 -35.90 -18.12 1.15
C THR D 127 -34.54 -17.49 1.41
N ALA D 128 -34.42 -16.22 1.03
CA ALA D 128 -33.18 -15.47 1.19
C ALA D 128 -32.78 -15.33 2.66
N GLU D 129 -33.78 -15.13 3.52
CA GLU D 129 -33.54 -14.99 4.96
C GLU D 129 -32.76 -16.18 5.51
N GLY D 130 -33.25 -17.38 5.24
CA GLY D 130 -32.59 -18.57 5.73
C GLY D 130 -31.23 -18.86 5.12
N ALA D 131 -30.91 -18.15 4.04
CA ALA D 131 -29.64 -18.34 3.36
C ALA D 131 -28.62 -17.36 3.92
N SER D 132 -29.11 -16.34 4.62
CA SER D 132 -28.26 -15.32 5.22
C SER D 132 -27.80 -15.84 6.58
N SER D 133 -27.14 -16.99 6.55
CA SER D 133 -26.65 -17.66 7.76
C SER D 133 -25.25 -17.26 8.21
N GLY D 134 -24.77 -16.12 7.72
CA GLY D 134 -23.44 -15.66 8.10
C GLY D 134 -23.42 -14.94 9.43
N THR D 135 -22.26 -14.91 10.07
CA THR D 135 -22.10 -14.25 11.36
C THR D 135 -21.03 -13.18 11.29
N ALA D 136 -19.96 -13.46 10.55
CA ALA D 136 -18.84 -12.55 10.39
C ALA D 136 -19.32 -11.14 10.02
N ALA D 137 -18.42 -10.17 10.09
CA ALA D 137 -18.75 -8.78 9.77
C ALA D 137 -18.54 -8.43 8.30
N ILE D 138 -19.56 -7.89 7.67
CA ILE D 138 -19.48 -7.50 6.27
C ILE D 138 -18.22 -6.69 6.00
N GLY D 139 -17.43 -7.12 5.02
CA GLY D 139 -16.22 -6.41 4.69
C GLY D 139 -15.00 -6.78 5.53
N GLU D 140 -15.05 -7.94 6.17
CA GLU D 140 -13.92 -8.39 6.97
C GLU D 140 -12.69 -8.67 6.08
N VAL D 141 -11.54 -8.17 6.49
CA VAL D 141 -10.30 -8.37 5.76
C VAL D 141 -9.31 -9.23 6.56
N VAL D 142 -8.93 -10.39 6.01
CA VAL D 142 -7.98 -11.29 6.67
C VAL D 142 -6.62 -11.16 6.01
N ALA D 143 -5.56 -11.28 6.80
CA ALA D 143 -4.21 -11.18 6.29
C ALA D 143 -3.32 -12.32 6.77
N ASP D 144 -3.95 -13.47 7.03
CA ASP D 144 -3.24 -14.65 7.50
C ASP D 144 -3.63 -15.86 6.67
N ALA D 145 -2.63 -16.60 6.21
CA ALA D 145 -2.86 -17.79 5.38
C ALA D 145 -3.94 -18.74 5.92
N ASP D 146 -4.01 -18.88 7.24
CA ASP D 146 -4.99 -19.77 7.85
C ASP D 146 -6.35 -19.11 8.05
N ALA D 147 -6.40 -17.80 7.86
CA ALA D 147 -7.65 -17.07 8.04
C ALA D 147 -8.54 -17.13 6.81
N ALA D 148 -7.92 -17.32 5.64
CA ALA D 148 -8.66 -17.39 4.40
C ALA D 148 -9.47 -18.68 4.30
N LYS D 149 -10.68 -18.56 3.76
CA LYS D 149 -11.56 -19.71 3.61
C LYS D 149 -12.48 -19.50 2.41
N VAL D 150 -12.79 -20.58 1.71
CA VAL D 150 -13.69 -20.51 0.55
C VAL D 150 -15.09 -20.32 1.13
N ALA D 151 -15.79 -19.28 0.68
CA ALA D 151 -17.12 -18.96 1.18
C ALA D 151 -18.08 -20.15 1.17
N ASP D 152 -19.00 -20.16 2.12
CA ASP D 152 -19.99 -21.22 2.26
C ASP D 152 -20.90 -21.27 1.03
N LYS D 153 -20.75 -22.32 0.23
CA LYS D 153 -21.53 -22.49 -1.00
C LYS D 153 -23.05 -22.48 -0.77
N ALA D 154 -23.48 -22.86 0.43
CA ALA D 154 -24.91 -22.89 0.72
C ALA D 154 -25.49 -21.51 1.02
N SER D 155 -24.68 -20.65 1.63
CA SER D 155 -25.13 -19.30 1.96
C SER D 155 -25.11 -18.38 0.74
N VAL D 156 -24.09 -18.51 -0.09
CA VAL D 156 -23.95 -17.71 -1.28
C VAL D 156 -25.06 -18.01 -2.29
N LYS D 157 -25.01 -19.21 -2.86
CA LYS D 157 -26.02 -19.64 -3.85
C LYS D 157 -27.42 -19.32 -3.32
N GLY D 158 -27.64 -19.60 -2.05
CA GLY D 158 -28.93 -19.33 -1.43
C GLY D 158 -29.35 -17.88 -1.53
N ILE D 159 -28.59 -17.00 -0.89
CA ILE D 159 -28.88 -15.57 -0.92
C ILE D 159 -29.16 -15.12 -2.35
N ALA D 160 -28.36 -15.61 -3.29
CA ALA D 160 -28.56 -15.27 -4.69
C ALA D 160 -29.98 -15.64 -5.09
N LYS D 161 -30.27 -16.94 -5.09
CA LYS D 161 -31.61 -17.43 -5.44
C LYS D 161 -32.68 -16.74 -4.60
N GLY D 162 -32.44 -16.64 -3.30
CA GLY D 162 -33.41 -15.99 -2.42
C GLY D 162 -33.80 -14.65 -3.00
N ILE D 163 -32.79 -13.81 -3.24
CA ILE D 163 -33.00 -12.48 -3.81
C ILE D 163 -33.72 -12.63 -5.13
N LYS D 164 -33.34 -13.65 -5.90
CA LYS D 164 -33.96 -13.93 -7.19
C LYS D 164 -35.46 -14.14 -6.98
N GLU D 165 -35.79 -14.76 -5.84
CA GLU D 165 -37.18 -15.03 -5.49
C GLU D 165 -37.89 -13.73 -5.18
N ILE D 166 -37.28 -12.92 -4.32
CA ILE D 166 -37.84 -11.63 -3.93
C ILE D 166 -38.14 -10.78 -5.16
N VAL D 167 -37.34 -10.93 -6.21
CA VAL D 167 -37.53 -10.17 -7.44
C VAL D 167 -38.72 -10.74 -8.20
N GLU D 168 -38.72 -12.06 -8.38
CA GLU D 168 -39.82 -12.71 -9.07
C GLU D 168 -41.12 -12.45 -8.32
N ALA D 169 -41.09 -12.66 -7.01
CA ALA D 169 -42.26 -12.44 -6.17
C ALA D 169 -42.87 -11.05 -6.37
N ALA D 170 -42.14 -10.16 -7.04
CA ALA D 170 -42.62 -8.81 -7.26
C ALA D 170 -42.87 -8.54 -8.75
N GLY D 171 -42.70 -9.56 -9.57
CA GLY D 171 -42.91 -9.41 -11.00
C GLY D 171 -41.95 -8.46 -11.67
N GLY D 172 -40.76 -8.32 -11.08
CA GLY D 172 -39.76 -7.43 -11.64
C GLY D 172 -38.51 -8.16 -12.13
N SER D 173 -38.68 -9.36 -12.65
CA SER D 173 -37.54 -10.14 -13.15
C SER D 173 -37.12 -9.75 -14.55
N GLU D 174 -38.10 -9.52 -15.43
CA GLU D 174 -37.82 -9.16 -16.81
C GLU D 174 -37.19 -7.77 -16.95
N LYS D 175 -37.66 -6.81 -16.17
CA LYS D 175 -37.12 -5.46 -16.24
C LYS D 175 -35.75 -5.41 -15.59
N LEU D 176 -35.61 -6.07 -14.44
CA LEU D 176 -34.34 -6.09 -13.72
C LEU D 176 -33.23 -6.58 -14.63
N LYS D 177 -33.48 -7.70 -15.31
CA LYS D 177 -32.52 -8.27 -16.23
C LYS D 177 -32.43 -7.46 -17.51
N ALA D 178 -33.31 -6.47 -17.65
CA ALA D 178 -33.31 -5.61 -18.83
C ALA D 178 -32.39 -4.43 -18.57
N VAL D 179 -32.10 -4.18 -17.30
CA VAL D 179 -31.22 -3.09 -16.90
C VAL D 179 -29.95 -3.04 -17.76
N ALA D 180 -29.52 -1.83 -18.09
CA ALA D 180 -28.32 -1.64 -18.89
C ALA D 180 -27.12 -2.15 -18.11
N ALA D 181 -26.25 -2.91 -18.78
CA ALA D 181 -25.07 -3.47 -18.14
C ALA D 181 -24.00 -2.41 -17.94
N ALA D 182 -22.89 -2.83 -17.34
CA ALA D 182 -21.78 -1.92 -17.07
C ALA D 182 -20.71 -2.04 -18.16
N LYS D 183 -20.00 -0.94 -18.37
CA LYS D 183 -18.93 -0.85 -19.36
C LYS D 183 -17.57 -1.09 -18.74
N GLY D 184 -17.41 -0.67 -17.48
CA GLY D 184 -16.14 -0.82 -16.78
C GLY D 184 -15.49 -2.19 -16.83
N GLU D 185 -14.19 -2.21 -17.13
CA GLU D 185 -13.44 -3.46 -17.23
C GLU D 185 -11.99 -3.33 -16.74
N ASN D 186 -11.62 -2.19 -16.18
CA ASN D 186 -10.26 -2.02 -15.68
C ASN D 186 -10.18 -2.26 -14.18
N ASN D 187 -11.11 -3.06 -13.65
CA ASN D 187 -11.11 -3.38 -12.23
C ASN D 187 -11.02 -4.87 -11.93
N LYS D 188 -10.61 -5.67 -12.91
CA LYS D 188 -10.48 -7.11 -12.72
C LYS D 188 -9.46 -7.44 -11.62
N GLY D 189 -8.63 -6.47 -11.28
CA GLY D 189 -7.65 -6.67 -10.24
C GLY D 189 -8.31 -6.97 -8.89
N ALA D 190 -9.56 -6.56 -8.74
CA ALA D 190 -10.26 -6.80 -7.48
C ALA D 190 -10.35 -8.28 -7.19
N GLY D 191 -10.10 -9.10 -8.20
CA GLY D 191 -10.15 -10.54 -8.03
C GLY D 191 -9.09 -11.06 -7.09
N LYS D 192 -8.07 -10.24 -6.80
CA LYS D 192 -6.98 -10.62 -5.91
C LYS D 192 -7.46 -10.81 -4.48
N LEU D 193 -8.58 -10.17 -4.14
CA LEU D 193 -9.14 -10.25 -2.80
C LEU D 193 -9.86 -11.56 -2.55
N PHE D 194 -10.17 -12.28 -3.63
CA PHE D 194 -10.88 -13.55 -3.50
C PHE D 194 -9.97 -14.78 -3.47
N GLY D 195 -8.67 -14.55 -3.37
CA GLY D 195 -7.74 -15.65 -3.31
C GLY D 195 -7.30 -15.97 -1.89
N LYS D 196 -6.11 -16.54 -1.73
CA LYS D 196 -5.60 -16.88 -0.41
C LYS D 196 -5.07 -15.66 0.32
N ALA D 197 -4.97 -15.77 1.65
CA ALA D 197 -4.49 -14.68 2.47
C ALA D 197 -3.10 -14.94 3.03
N GLY D 198 -2.43 -13.87 3.45
CA GLY D 198 -1.10 -14.00 4.02
C GLY D 198 0.02 -13.96 3.00
N ALA D 199 1.13 -14.60 3.36
CA ALA D 199 2.34 -14.66 2.53
C ALA D 199 2.15 -14.80 1.02
N ALA D 200 1.31 -15.75 0.59
CA ALA D 200 1.09 -15.98 -0.83
C ALA D 200 -0.06 -15.22 -1.47
N ALA D 201 -0.56 -14.19 -0.79
CA ALA D 201 -1.69 -13.42 -1.29
C ALA D 201 -1.29 -12.34 -2.30
N HIS D 202 -2.19 -12.09 -3.25
CA HIS D 202 -1.97 -11.07 -4.27
C HIS D 202 -2.74 -9.83 -3.88
N GLY D 203 -3.68 -9.97 -2.96
CA GLY D 203 -4.49 -8.84 -2.53
C GLY D 203 -3.71 -7.73 -1.87
N ASP D 204 -3.89 -6.51 -2.35
CA ASP D 204 -3.22 -5.34 -1.80
C ASP D 204 -4.11 -4.10 -1.95
N SER D 205 -3.65 -2.97 -1.41
CA SER D 205 -4.43 -1.73 -1.48
C SER D 205 -4.85 -1.35 -2.91
N GLU D 206 -4.08 -1.78 -3.90
CA GLU D 206 -4.43 -1.45 -5.28
C GLU D 206 -5.61 -2.31 -5.72
N ALA D 207 -5.61 -3.56 -5.28
CA ALA D 207 -6.69 -4.48 -5.57
C ALA D 207 -7.93 -3.92 -4.90
N ALA D 208 -7.77 -3.55 -3.63
CA ALA D 208 -8.84 -2.97 -2.83
C ALA D 208 -9.43 -1.75 -3.52
N SER D 209 -8.57 -0.99 -4.20
CA SER D 209 -9.03 0.21 -4.92
C SER D 209 -9.88 -0.16 -6.14
N LYS D 210 -9.50 -1.24 -6.84
CA LYS D 210 -10.25 -1.68 -8.00
C LYS D 210 -11.64 -2.14 -7.54
N ALA D 211 -11.69 -2.88 -6.44
CA ALA D 211 -12.94 -3.35 -5.88
C ALA D 211 -13.85 -2.15 -5.61
N ALA D 212 -13.35 -1.20 -4.82
CA ALA D 212 -14.11 -0.01 -4.50
C ALA D 212 -14.52 0.72 -5.78
N GLY D 213 -13.61 0.73 -6.76
CA GLY D 213 -13.88 1.42 -8.02
C GLY D 213 -15.02 0.82 -8.79
N ALA D 214 -15.07 -0.51 -8.84
CA ALA D 214 -16.12 -1.25 -9.54
C ALA D 214 -17.50 -1.03 -8.90
N VAL D 215 -17.55 -0.97 -7.58
CA VAL D 215 -18.81 -0.77 -6.87
C VAL D 215 -19.38 0.64 -7.07
N SER D 216 -18.50 1.64 -7.02
CA SER D 216 -18.89 3.03 -7.18
C SER D 216 -19.33 3.41 -8.60
N ALA D 217 -19.07 2.53 -9.56
CA ALA D 217 -19.42 2.80 -10.96
C ALA D 217 -20.73 2.17 -11.42
N VAL D 218 -21.42 1.47 -10.52
CA VAL D 218 -22.67 0.80 -10.88
C VAL D 218 -23.77 1.02 -9.85
N SER D 219 -25.03 0.90 -10.29
CA SER D 219 -26.19 1.08 -9.44
C SER D 219 -26.57 -0.20 -8.70
N GLY D 220 -27.39 -0.06 -7.67
CA GLY D 220 -27.83 -1.22 -6.92
C GLY D 220 -28.62 -2.14 -7.83
N GLU D 221 -29.36 -1.54 -8.77
CA GLU D 221 -30.15 -2.31 -9.73
C GLU D 221 -29.24 -3.21 -10.56
N GLN D 222 -28.14 -2.64 -11.04
CA GLN D 222 -27.17 -3.38 -11.86
C GLN D 222 -26.51 -4.51 -11.07
N ILE D 223 -26.27 -4.29 -9.77
CA ILE D 223 -25.66 -5.33 -8.96
C ILE D 223 -26.69 -6.43 -8.70
N LEU D 224 -27.92 -6.01 -8.43
CA LEU D 224 -29.03 -6.93 -8.17
C LEU D 224 -29.29 -7.80 -9.40
N SER D 225 -29.24 -7.18 -10.57
CA SER D 225 -29.45 -7.88 -11.84
C SER D 225 -28.38 -8.94 -12.06
N ALA D 226 -27.13 -8.62 -11.70
CA ALA D 226 -26.04 -9.57 -11.88
C ALA D 226 -26.20 -10.75 -10.94
N ILE D 227 -26.76 -10.49 -9.78
CA ILE D 227 -26.99 -11.54 -8.79
C ILE D 227 -28.12 -12.47 -9.27
N VAL D 228 -29.29 -11.88 -9.50
CA VAL D 228 -30.45 -12.63 -9.98
C VAL D 228 -30.07 -13.55 -11.13
N THR D 229 -29.29 -13.03 -12.07
CA THR D 229 -28.88 -13.82 -13.23
C THR D 229 -28.02 -15.02 -12.85
N ALA D 230 -26.85 -14.74 -12.27
CA ALA D 230 -25.94 -15.80 -11.86
C ALA D 230 -26.66 -16.88 -11.06
N ALA D 231 -27.76 -16.50 -10.42
CA ALA D 231 -28.56 -17.42 -9.62
C ALA D 231 -29.26 -18.45 -10.50
N ASP D 232 -29.29 -18.16 -11.80
CA ASP D 232 -29.89 -19.04 -12.79
C ASP D 232 -28.79 -19.60 -13.67
N ALA D 233 -27.53 -19.34 -13.30
CA ALA D 233 -26.39 -19.80 -14.07
C ALA D 233 -25.84 -21.13 -13.55
N ALA D 234 -25.37 -21.96 -14.48
CA ALA D 234 -24.79 -23.26 -14.12
C ALA D 234 -23.34 -23.03 -13.69
N GLU D 235 -22.78 -23.99 -12.96
CA GLU D 235 -21.41 -23.90 -12.47
C GLU D 235 -21.28 -22.86 -11.35
N GLN D 236 -22.22 -22.90 -10.40
CA GLN D 236 -22.19 -21.98 -9.28
C GLN D 236 -21.22 -22.48 -8.21
N ASP D 237 -20.35 -23.40 -8.61
CA ASP D 237 -19.35 -23.94 -7.70
C ASP D 237 -18.17 -22.98 -7.64
N GLY D 238 -17.68 -22.72 -6.43
CA GLY D 238 -16.57 -21.81 -6.26
C GLY D 238 -15.46 -22.10 -7.25
N LYS D 239 -14.80 -21.04 -7.71
CA LYS D 239 -13.70 -21.16 -8.66
C LYS D 239 -12.73 -20.00 -8.47
N LYS D 240 -11.44 -20.29 -8.55
CA LYS D 240 -10.43 -19.26 -8.41
C LYS D 240 -10.73 -18.10 -9.35
N PRO D 241 -10.37 -16.87 -8.95
CA PRO D 241 -10.59 -15.64 -9.74
C PRO D 241 -10.37 -15.76 -11.25
N GLU D 242 -9.23 -16.34 -11.65
CA GLU D 242 -8.93 -16.49 -13.07
C GLU D 242 -9.79 -17.52 -13.79
N GLU D 243 -10.74 -18.13 -13.08
CA GLU D 243 -11.59 -19.14 -13.68
C GLU D 243 -13.08 -19.08 -13.31
N ALA D 244 -13.48 -18.05 -12.57
CA ALA D 244 -14.88 -17.90 -12.19
C ALA D 244 -15.63 -17.26 -13.35
N LYS D 245 -16.89 -17.68 -13.55
CA LYS D 245 -17.68 -17.14 -14.65
C LYS D 245 -18.92 -16.40 -14.16
N ASN D 246 -19.26 -16.56 -12.88
CA ASN D 246 -20.42 -15.88 -12.32
C ASN D 246 -20.17 -15.44 -10.89
N PRO D 247 -20.68 -14.26 -10.52
CA PRO D 247 -20.52 -13.71 -9.17
C PRO D 247 -20.54 -14.76 -8.07
N ILE D 248 -21.44 -15.73 -8.21
CA ILE D 248 -21.60 -16.81 -7.24
C ILE D 248 -20.35 -17.68 -7.14
N ALA D 249 -19.79 -18.07 -8.28
CA ALA D 249 -18.59 -18.89 -8.29
C ALA D 249 -17.45 -18.10 -7.62
N ALA D 250 -17.28 -16.86 -8.06
CA ALA D 250 -16.24 -15.99 -7.53
C ALA D 250 -16.44 -15.68 -6.04
N ALA D 251 -17.66 -15.34 -5.66
CA ALA D 251 -17.98 -15.03 -4.28
C ALA D 251 -17.62 -16.21 -3.37
N ILE D 252 -17.74 -17.41 -3.91
CA ILE D 252 -17.41 -18.63 -3.16
C ILE D 252 -15.91 -18.84 -3.24
N GLY D 253 -15.39 -18.85 -4.47
CA GLY D 253 -13.96 -19.01 -4.69
C GLY D 253 -13.38 -20.40 -4.59
N ASP D 254 -12.06 -20.48 -4.80
CA ASP D 254 -11.31 -21.73 -4.74
C ASP D 254 -10.11 -21.50 -3.85
N LYS D 255 -9.82 -22.46 -2.98
CA LYS D 255 -8.71 -22.32 -2.03
C LYS D 255 -7.30 -22.17 -2.60
N ASP D 256 -7.13 -22.39 -3.90
CA ASP D 256 -5.79 -22.23 -4.48
C ASP D 256 -5.52 -20.75 -4.70
N GLY D 257 -6.52 -19.92 -4.43
CA GLY D 257 -6.38 -18.49 -4.60
C GLY D 257 -6.09 -18.13 -6.05
N GLY D 258 -5.60 -16.91 -6.27
CA GLY D 258 -5.30 -16.47 -7.61
C GLY D 258 -5.15 -14.96 -7.71
N ALA D 259 -4.88 -14.47 -8.91
CA ALA D 259 -4.73 -13.05 -9.13
C ALA D 259 -6.07 -12.42 -9.51
N GLU D 260 -6.06 -11.54 -10.50
CA GLU D 260 -7.27 -10.88 -10.96
C GLU D 260 -8.20 -11.86 -11.67
N PHE D 261 -9.47 -11.45 -11.84
CA PHE D 261 -10.44 -12.29 -12.52
C PHE D 261 -10.00 -12.48 -13.97
N GLY D 262 -10.21 -13.67 -14.51
CA GLY D 262 -9.81 -13.95 -15.88
C GLY D 262 -10.96 -14.03 -16.87
N GLN D 263 -11.94 -14.87 -16.57
CA GLN D 263 -13.10 -15.06 -17.44
C GLN D 263 -13.76 -13.74 -17.84
N ASP D 264 -14.03 -13.57 -19.13
CA ASP D 264 -14.67 -12.34 -19.64
C ASP D 264 -15.96 -12.06 -18.88
N GLU D 265 -16.58 -13.13 -18.38
CA GLU D 265 -17.84 -13.01 -17.63
C GLU D 265 -17.68 -11.93 -16.57
N MSE D 266 -16.60 -12.02 -15.81
CA MSE D 266 -16.31 -11.04 -14.78
C MSE D 266 -15.67 -9.85 -15.49
O MSE D 266 -16.06 -9.52 -16.62
CB MSE D 266 -15.36 -11.62 -13.74
CG MSE D 266 -15.88 -12.90 -13.07
SE MSE D 266 -17.62 -12.71 -12.21
CE MSE D 266 -17.08 -11.72 -10.64
N LYS D 267 -14.69 -9.22 -14.87
CA LYS D 267 -14.02 -8.06 -15.48
C LYS D 267 -14.89 -6.82 -15.49
N LYS D 268 -16.20 -6.99 -15.65
CA LYS D 268 -17.11 -5.86 -15.66
C LYS D 268 -17.52 -5.47 -14.25
N ASP D 269 -17.58 -4.17 -13.99
CA ASP D 269 -17.93 -3.65 -12.69
C ASP D 269 -19.14 -4.29 -12.01
N ASP D 270 -20.26 -4.41 -12.72
CA ASP D 270 -21.46 -5.01 -12.13
C ASP D 270 -21.26 -6.45 -11.67
N GLN D 271 -20.58 -7.24 -12.48
CA GLN D 271 -20.31 -8.65 -12.16
C GLN D 271 -19.40 -8.76 -10.94
N ILE D 272 -18.37 -7.91 -10.91
CA ILE D 272 -17.42 -7.86 -9.81
C ILE D 272 -18.12 -7.33 -8.55
N ALA D 273 -18.95 -6.31 -8.75
CA ALA D 273 -19.68 -5.71 -7.64
C ALA D 273 -20.63 -6.75 -7.02
N ALA D 274 -21.16 -7.63 -7.85
CA ALA D 274 -22.06 -8.68 -7.39
C ALA D 274 -21.30 -9.68 -6.50
N ALA D 275 -20.12 -10.08 -6.96
CA ALA D 275 -19.28 -11.02 -6.22
C ALA D 275 -18.91 -10.44 -4.85
N ILE D 276 -18.56 -9.16 -4.83
CA ILE D 276 -18.19 -8.49 -3.59
C ILE D 276 -19.36 -8.45 -2.60
N ALA D 277 -20.56 -8.21 -3.12
CA ALA D 277 -21.75 -8.16 -2.28
C ALA D 277 -22.14 -9.55 -1.79
N LEU D 278 -22.10 -10.53 -2.66
CA LEU D 278 -22.46 -11.89 -2.26
C LEU D 278 -21.50 -12.35 -1.16
N ARG D 279 -20.21 -12.14 -1.39
CA ARG D 279 -19.19 -12.52 -0.41
C ARG D 279 -19.41 -11.74 0.88
N GLY D 280 -19.65 -10.43 0.76
CA GLY D 280 -19.86 -9.61 1.94
C GLY D 280 -21.08 -9.97 2.76
N MSE D 281 -22.04 -10.65 2.14
CA MSE D 281 -23.27 -11.05 2.84
C MSE D 281 -23.25 -12.51 3.28
O MSE D 281 -23.80 -12.85 4.33
CB MSE D 281 -24.48 -10.83 1.94
CG MSE D 281 -24.65 -9.42 1.42
SE MSE D 281 -26.22 -9.26 0.29
CE MSE D 281 -25.49 -9.99 -1.35
N ALA D 282 -22.64 -13.36 2.46
CA ALA D 282 -22.57 -14.79 2.71
C ALA D 282 -21.89 -15.26 3.99
N LYS D 283 -21.87 -16.58 4.14
CA LYS D 283 -21.27 -17.26 5.28
C LYS D 283 -19.84 -17.63 4.95
N ASP D 284 -18.91 -17.21 5.80
CA ASP D 284 -17.49 -17.49 5.61
C ASP D 284 -16.94 -16.68 4.44
N GLY D 285 -17.49 -15.50 4.25
CA GLY D 285 -17.05 -14.64 3.16
C GLY D 285 -16.20 -13.49 3.69
N LYS D 286 -14.91 -13.54 3.41
CA LYS D 286 -13.98 -12.49 3.85
C LYS D 286 -13.06 -12.14 2.70
N PHE D 287 -12.43 -10.97 2.76
CA PHE D 287 -11.54 -10.52 1.71
C PHE D 287 -10.10 -10.64 2.20
N ALA D 288 -9.23 -11.21 1.35
CA ALA D 288 -7.84 -11.44 1.72
C ALA D 288 -6.81 -10.51 1.08
N VAL D 289 -5.72 -10.27 1.82
CA VAL D 289 -4.63 -9.44 1.34
C VAL D 289 -3.31 -10.02 1.85
N LYS D 290 -2.20 -9.56 1.28
CA LYS D 290 -0.90 -10.05 1.69
C LYS D 290 -0.56 -9.48 3.07
N ASP D 291 0.28 -10.19 3.81
CA ASP D 291 0.68 -9.74 5.14
C ASP D 291 1.28 -8.33 5.05
N GLY D 292 0.98 -7.50 6.04
CA GLY D 292 1.48 -6.15 6.05
C GLY D 292 0.63 -5.17 5.25
N GLU D 293 -0.53 -5.61 4.78
CA GLU D 293 -1.41 -4.75 4.00
C GLU D 293 -2.77 -4.56 4.66
N LYS D 294 -3.03 -5.28 5.74
CA LYS D 294 -4.32 -5.17 6.39
C LYS D 294 -4.77 -3.74 6.63
N GLU D 295 -4.01 -2.99 7.42
CA GLU D 295 -4.35 -1.59 7.72
C GLU D 295 -4.34 -0.71 6.47
N LYS D 296 -3.54 -1.12 5.50
CA LYS D 296 -3.37 -0.38 4.25
C LYS D 296 -4.47 -0.59 3.21
N ALA D 297 -5.15 -1.73 3.26
CA ALA D 297 -6.21 -2.02 2.28
C ALA D 297 -7.59 -2.07 2.89
N GLU D 298 -7.65 -2.27 4.21
CA GLU D 298 -8.91 -2.35 4.94
C GLU D 298 -9.98 -1.38 4.42
N GLY D 299 -9.73 -0.09 4.63
CA GLY D 299 -10.67 0.94 4.23
C GLY D 299 -11.39 0.74 2.92
N ALA D 300 -10.62 0.62 1.83
CA ALA D 300 -11.20 0.46 0.51
C ALA D 300 -12.08 -0.78 0.39
N ILE D 301 -11.67 -1.87 1.03
CA ILE D 301 -12.43 -3.11 0.98
C ILE D 301 -13.70 -3.00 1.81
N LYS D 302 -13.59 -2.35 2.96
CA LYS D 302 -14.74 -2.17 3.82
C LYS D 302 -15.68 -1.21 3.09
N GLY D 303 -15.09 -0.22 2.41
CA GLY D 303 -15.90 0.73 1.68
C GLY D 303 -16.58 0.15 0.45
N ALA D 304 -15.91 -0.77 -0.24
CA ALA D 304 -16.48 -1.40 -1.42
C ALA D 304 -17.62 -2.34 -1.06
N ALA D 305 -17.38 -3.17 -0.04
CA ALA D 305 -18.36 -4.15 0.41
C ALA D 305 -19.59 -3.51 1.04
N GLU D 306 -19.37 -2.47 1.83
CA GLU D 306 -20.48 -1.79 2.49
C GLU D 306 -21.40 -1.21 1.43
N SER D 307 -20.82 -0.46 0.49
CA SER D 307 -21.58 0.15 -0.58
C SER D 307 -22.33 -0.89 -1.42
N ALA D 308 -21.64 -1.95 -1.81
CA ALA D 308 -22.26 -2.99 -2.63
C ALA D 308 -23.49 -3.55 -1.92
N VAL D 309 -23.33 -3.94 -0.66
CA VAL D 309 -24.45 -4.48 0.10
C VAL D 309 -25.53 -3.42 0.29
N ARG D 310 -25.12 -2.19 0.54
CA ARG D 310 -26.04 -1.10 0.76
C ARG D 310 -26.89 -0.82 -0.50
N LYS D 311 -26.22 -0.72 -1.65
CA LYS D 311 -26.93 -0.47 -2.89
C LYS D 311 -27.86 -1.65 -3.21
N VAL D 312 -27.40 -2.86 -2.96
CA VAL D 312 -28.21 -4.04 -3.25
C VAL D 312 -29.50 -4.10 -2.43
N LEU D 313 -29.40 -3.87 -1.12
CA LEU D 313 -30.59 -3.90 -0.28
C LEU D 313 -31.47 -2.69 -0.59
N GLY D 314 -30.83 -1.61 -1.01
CA GLY D 314 -31.58 -0.41 -1.36
C GLY D 314 -32.40 -0.68 -2.61
N ALA D 315 -31.86 -1.48 -3.52
CA ALA D 315 -32.55 -1.83 -4.74
C ALA D 315 -33.73 -2.72 -4.39
N ILE D 316 -33.52 -3.61 -3.43
CA ILE D 316 -34.59 -4.49 -3.02
C ILE D 316 -35.69 -3.73 -2.29
N THR D 317 -35.30 -2.74 -1.49
CA THR D 317 -36.28 -1.94 -0.76
C THR D 317 -37.15 -1.13 -1.73
N GLY D 318 -36.54 -0.61 -2.79
CA GLY D 318 -37.29 0.15 -3.75
C GLY D 318 -38.28 -0.73 -4.49
N LEU D 319 -37.84 -1.92 -4.86
CA LEU D 319 -38.66 -2.88 -5.58
C LEU D 319 -39.89 -3.29 -4.77
N ILE D 320 -39.67 -3.82 -3.57
CA ILE D 320 -40.77 -4.23 -2.72
C ILE D 320 -41.68 -3.04 -2.43
N GLY D 321 -41.11 -1.85 -2.39
CA GLY D 321 -41.89 -0.65 -2.13
C GLY D 321 -42.82 -0.31 -3.29
N ASP D 322 -42.29 -0.28 -4.50
CA ASP D 322 -43.10 0.03 -5.68
C ASP D 322 -44.18 -1.04 -5.87
N ALA D 323 -43.76 -2.30 -5.82
CA ALA D 323 -44.67 -3.42 -5.99
C ALA D 323 -45.83 -3.40 -5.00
N VAL D 324 -45.51 -3.20 -3.73
CA VAL D 324 -46.55 -3.17 -2.71
C VAL D 324 -47.34 -1.87 -2.72
N SER D 325 -46.65 -0.74 -2.86
CA SER D 325 -47.35 0.54 -2.89
C SER D 325 -48.35 0.51 -4.05
N SER D 326 -47.92 -0.08 -5.16
CA SER D 326 -48.76 -0.18 -6.35
C SER D 326 -49.99 -1.02 -6.02
N GLY D 327 -49.79 -2.10 -5.27
CA GLY D 327 -50.89 -2.95 -4.88
C GLY D 327 -51.81 -2.21 -3.94
N LEU D 328 -51.22 -1.39 -3.06
CA LEU D 328 -52.02 -0.62 -2.13
C LEU D 328 -52.80 0.47 -2.85
N ARG D 329 -52.24 0.99 -3.95
CA ARG D 329 -52.94 2.03 -4.70
C ARG D 329 -54.21 1.43 -5.31
N LYS D 330 -54.11 0.22 -5.84
CA LYS D 330 -55.25 -0.45 -6.44
C LYS D 330 -56.38 -0.63 -5.43
N VAL D 331 -56.01 -0.83 -4.17
CA VAL D 331 -57.01 -0.98 -3.11
C VAL D 331 -57.51 0.42 -2.74
N GLY D 332 -56.62 1.39 -2.88
CA GLY D 332 -56.99 2.77 -2.58
C GLY D 332 -58.05 3.23 -3.56
N ASP D 333 -57.90 2.80 -4.82
CA ASP D 333 -58.85 3.17 -5.86
C ASP D 333 -60.12 2.33 -5.74
N SER D 334 -60.02 1.20 -5.04
CA SER D 334 -61.19 0.33 -4.85
C SER D 334 -62.09 1.04 -3.86
N VAL D 335 -61.48 1.56 -2.81
CA VAL D 335 -62.21 2.27 -1.77
C VAL D 335 -62.87 3.54 -2.29
N LYS D 336 -62.07 4.41 -2.91
CA LYS D 336 -62.58 5.66 -3.47
C LYS D 336 -63.71 5.41 -4.46
N ALA D 337 -63.55 4.41 -5.31
CA ALA D 337 -64.56 4.06 -6.31
C ALA D 337 -65.88 3.69 -5.63
N ALA D 338 -65.78 3.15 -4.42
CA ALA D 338 -66.95 2.74 -3.65
C ALA D 338 -67.69 3.93 -3.02
N SER D 339 -66.93 4.95 -2.63
CA SER D 339 -67.51 6.14 -2.01
C SER D 339 -68.58 6.78 -2.88
N LYS D 340 -68.50 6.56 -4.18
CA LYS D 340 -69.45 7.13 -5.12
C LYS D 340 -70.81 6.45 -5.14
N GLU D 341 -71.46 6.44 -3.97
CA GLU D 341 -72.80 5.86 -3.77
C GLU D 341 -73.13 4.51 -4.38
N THR D 342 -72.48 4.16 -5.48
CA THR D 342 -72.73 2.89 -6.14
C THR D 342 -71.70 1.87 -5.72
N PRO D 343 -72.14 0.80 -5.02
CA PRO D 343 -71.24 -0.26 -4.55
C PRO D 343 -70.23 -0.69 -5.61
N PRO D 344 -70.70 -1.03 -6.82
CA PRO D 344 -69.75 -1.44 -7.87
C PRO D 344 -68.75 -0.31 -8.19
N ALA D 345 -68.96 0.35 -9.32
CA ALA D 345 -68.11 1.46 -9.79
C ALA D 345 -68.06 1.49 -11.32
#